data_9CV8
#
_entry.id   9CV8
#
_cell.length_a   136.290
_cell.length_b   136.290
_cell.length_c   135.600
_cell.angle_alpha   90.00
_cell.angle_beta   90.00
_cell.angle_gamma   120.00
#
_symmetry.space_group_name_H-M   'P 31 2 1'
#
loop_
_entity.id
_entity.type
_entity.pdbx_description
1 polymer NysL
2 non-polymer 'PROTOPORPHYRIN IX CONTAINING FE'
3 non-polymer Nystatin
4 non-polymer 'SULFATE ION'
5 water water
#
_entity_poly.entity_id   1
_entity_poly.type   'polypeptide(L)'
_entity_poly.pdbx_seq_one_letter_code
;MSTPTAPPSLKAEVPPVLRLSPLLRELQSRAPVCKVRTPAGDEGWLVTRHTELKQLLHDDRLARAHADPANAPRYVHNPF
LDLLVVDDFDLARTLHAEMRSLFTPQFSARRVMDLTPRVEALAEGVLAHFVAQGPPADLHNDFSLPFSLSVLCALIGVPA
EEQGKLIAALTKLGELDDPARVQEGQDELFGLLSGLARRKRITPEDDVISRLCLKVPSDERIGPIASGLLFAGLDSVASH
IDLGTVLFIQHPDQLAAALADEKLMRGAVEEILRSAKAGGSVLPRYATADVPIGDVTIRAGDLVLLDFTLVNFDRTVFDE
PELFDIRRAPNPHLTFGHGMWHCIGAPLARVNLRTAYTLLFTRLPGLRLVRPVEELRVLSGQLSAGLTELPVTW
;
_entity_poly.pdbx_strand_id   A,B
#
loop_
_chem_comp.id
_chem_comp.type
_chem_comp.name
_chem_comp.formula
A1AZ7 non-polymer Nystatin 'C47 H75 N O17'
HEM non-polymer 'PROTOPORPHYRIN IX CONTAINING FE' 'C34 H32 Fe N4 O4'
SO4 non-polymer 'SULFATE ION' 'O4 S -2'
#
# COMPACT_ATOMS: atom_id res chain seq x y z
N THR A 5 -1.26 -31.41 19.33
CA THR A 5 -0.73 -30.05 19.33
C THR A 5 -1.71 -29.07 18.69
N ALA A 6 -2.29 -28.20 19.51
CA ALA A 6 -3.20 -27.15 19.05
C ALA A 6 -2.69 -25.82 19.59
N PRO A 7 -2.34 -24.86 18.73
CA PRO A 7 -2.37 -24.97 17.26
C PRO A 7 -1.29 -25.90 16.70
N PRO A 8 -1.46 -26.35 15.45
CA PRO A 8 -0.43 -27.19 14.83
C PRO A 8 0.95 -26.55 14.90
N SER A 9 1.97 -27.40 15.05
CA SER A 9 3.35 -26.94 15.09
C SER A 9 4.03 -27.18 13.74
N LEU A 10 4.80 -26.18 13.28
CA LEU A 10 5.50 -26.27 12.01
C LEU A 10 6.84 -26.98 12.12
N LYS A 11 7.53 -26.87 13.25
CA LYS A 11 8.83 -27.52 13.40
C LYS A 11 8.70 -29.03 13.47
N ALA A 12 7.92 -29.61 12.56
CA ALA A 12 7.69 -31.06 12.52
C ALA A 12 8.80 -31.74 11.70
N GLU A 13 10.04 -31.51 12.14
CA GLU A 13 11.25 -32.06 11.53
C GLU A 13 11.31 -31.57 10.08
N VAL A 14 11.81 -32.37 9.14
CA VAL A 14 11.89 -31.95 7.74
C VAL A 14 11.28 -33.01 6.85
N PRO A 15 10.36 -32.66 5.96
CA PRO A 15 9.81 -33.63 5.01
C PRO A 15 10.88 -34.05 4.02
N PRO A 16 10.69 -35.16 3.31
CA PRO A 16 11.61 -35.49 2.23
C PRO A 16 11.61 -34.39 1.18
N VAL A 17 12.72 -34.30 0.44
CA VAL A 17 12.82 -33.30 -0.60
C VAL A 17 11.81 -33.60 -1.70
N LEU A 18 11.35 -32.53 -2.36
CA LEU A 18 10.47 -32.61 -3.53
C LEU A 18 9.10 -33.16 -3.20
N ARG A 19 8.68 -33.14 -1.95
CA ARG A 19 7.37 -33.68 -1.59
C ARG A 19 6.69 -32.78 -0.57
N LEU A 20 5.38 -32.60 -0.76
CA LEU A 20 4.55 -31.83 0.15
C LEU A 20 4.25 -32.64 1.41
N SER A 21 4.57 -32.09 2.57
CA SER A 21 4.37 -32.85 3.81
C SER A 21 2.88 -33.08 4.08
N PRO A 22 2.54 -34.19 4.75
CA PRO A 22 1.14 -34.37 5.21
C PRO A 22 0.63 -33.20 6.03
N LEU A 23 1.45 -32.68 6.96
CA LEU A 23 1.02 -31.56 7.78
C LEU A 23 0.58 -30.36 6.94
N LEU A 24 1.43 -29.92 6.01
CA LEU A 24 1.09 -28.74 5.22
C LEU A 24 -0.08 -29.01 4.29
N ARG A 25 -0.15 -30.22 3.74
CA ARG A 25 -1.26 -30.59 2.87
C ARG A 25 -2.59 -30.51 3.62
N GLU A 26 -2.63 -31.00 4.86
CA GLU A 26 -3.88 -30.95 5.62
C GLU A 26 -4.21 -29.53 6.06
N LEU A 27 -3.20 -28.74 6.42
CA LEU A 27 -3.49 -27.35 6.77
C LEU A 27 -4.11 -26.61 5.61
N GLN A 28 -3.57 -26.80 4.40
CA GLN A 28 -4.10 -26.11 3.22
C GLN A 28 -5.52 -26.54 2.92
N SER A 29 -5.81 -27.84 3.03
CA SER A 29 -7.17 -28.29 2.77
C SER A 29 -8.13 -27.83 3.86
N ARG A 30 -7.61 -27.49 5.04
CA ARG A 30 -8.43 -27.13 6.17
C ARG A 30 -8.99 -25.70 6.06
N ALA A 31 -8.12 -24.71 5.86
CA ALA A 31 -8.55 -23.32 5.77
C ALA A 31 -7.51 -22.54 4.97
N PRO A 32 -7.89 -21.36 4.44
CA PRO A 32 -6.91 -20.55 3.73
C PRO A 32 -5.92 -19.84 4.64
N VAL A 33 -6.28 -19.59 5.90
CA VAL A 33 -5.38 -18.93 6.85
C VAL A 33 -5.48 -19.68 8.17
N CYS A 34 -4.35 -20.18 8.66
CA CYS A 34 -4.30 -21.12 9.78
C CYS A 34 -3.40 -20.59 10.88
N LYS A 35 -3.91 -20.55 12.11
CA LYS A 35 -3.06 -20.30 13.26
C LYS A 35 -2.17 -21.53 13.49
N VAL A 36 -0.86 -21.30 13.57
CA VAL A 36 0.12 -22.36 13.82
C VAL A 36 1.08 -21.90 14.91
N ARG A 37 1.83 -22.87 15.45
CA ARG A 37 3.00 -22.60 16.28
C ARG A 37 4.23 -22.64 15.39
N THR A 38 5.09 -21.64 15.50
CA THR A 38 6.24 -21.50 14.62
C THR A 38 7.41 -22.30 15.15
N PRO A 39 8.47 -22.46 14.34
CA PRO A 39 9.70 -23.09 14.86
C PRO A 39 10.27 -22.40 16.09
N ALA A 40 10.11 -21.08 16.21
CA ALA A 40 10.64 -20.37 17.36
C ALA A 40 9.79 -20.52 18.61
N GLY A 41 8.64 -21.19 18.52
CA GLY A 41 7.78 -21.39 19.66
C GLY A 41 6.64 -20.41 19.82
N ASP A 42 6.50 -19.45 18.90
CA ASP A 42 5.47 -18.43 18.99
C ASP A 42 4.29 -18.78 18.09
N GLU A 43 3.29 -17.89 18.06
CA GLU A 43 2.10 -18.10 17.27
C GLU A 43 2.11 -17.21 16.03
N GLY A 44 1.63 -17.76 14.93
CA GLY A 44 1.58 -17.02 13.69
C GLY A 44 0.42 -17.52 12.84
N TRP A 45 0.08 -16.71 11.84
CA TRP A 45 -0.94 -17.07 10.87
C TRP A 45 -0.25 -17.56 9.59
N LEU A 46 -0.45 -18.84 9.27
CA LEU A 46 0.07 -19.40 8.02
C LEU A 46 -0.96 -19.19 6.92
N VAL A 47 -0.55 -18.52 5.85
CA VAL A 47 -1.40 -18.39 4.67
C VAL A 47 -1.12 -19.60 3.80
N THR A 48 -2.17 -20.37 3.48
CA THR A 48 -1.98 -21.66 2.83
C THR A 48 -2.42 -21.68 1.37
N ARG A 49 -3.19 -20.69 0.91
CA ARG A 49 -3.83 -20.77 -0.39
C ARG A 49 -3.49 -19.59 -1.27
N HIS A 50 -3.54 -19.85 -2.59
CA HIS A 50 -3.03 -18.93 -3.60
C HIS A 50 -3.76 -17.58 -3.60
N THR A 51 -5.09 -17.60 -3.61
CA THR A 51 -5.82 -16.33 -3.70
C THR A 51 -5.55 -15.46 -2.48
N GLU A 52 -5.56 -16.06 -1.28
CA GLU A 52 -5.37 -15.30 -0.07
C GLU A 52 -3.95 -14.75 0.03
N LEU A 53 -2.93 -15.51 -0.40
CA LEU A 53 -1.58 -14.94 -0.43
C LEU A 53 -1.53 -13.70 -1.32
N LYS A 54 -2.10 -13.77 -2.52
CA LYS A 54 -2.10 -12.61 -3.42
C LYS A 54 -2.77 -11.41 -2.77
N GLN A 55 -3.93 -11.62 -2.14
CA GLN A 55 -4.64 -10.54 -1.48
C GLN A 55 -3.78 -9.89 -0.41
N LEU A 56 -3.12 -10.71 0.42
CA LEU A 56 -2.35 -10.14 1.52
C LEU A 56 -1.09 -9.44 1.02
N LEU A 57 -0.54 -9.89 -0.11
CA LEU A 57 0.61 -9.20 -0.69
C LEU A 57 0.25 -7.80 -1.17
N HIS A 58 -1.05 -7.52 -1.37
CA HIS A 58 -1.52 -6.23 -1.83
C HIS A 58 -2.23 -5.45 -0.73
N ASP A 59 -2.18 -5.92 0.51
CA ASP A 59 -2.83 -5.25 1.63
C ASP A 59 -1.78 -4.44 2.37
N ASP A 60 -1.94 -3.13 2.41
CA ASP A 60 -0.87 -2.32 3.01
C ASP A 60 -0.84 -2.41 4.53
N ARG A 61 -1.72 -3.19 5.16
CA ARG A 61 -1.64 -3.38 6.60
C ARG A 61 -0.66 -4.48 7.02
N LEU A 62 -0.02 -5.18 6.08
CA LEU A 62 1.07 -6.11 6.39
C LEU A 62 2.39 -5.41 6.08
N ALA A 63 3.33 -5.46 7.02
CA ALA A 63 4.55 -4.69 6.89
C ALA A 63 5.67 -5.34 7.70
N ARG A 64 6.92 -4.99 7.36
CA ARG A 64 8.06 -5.33 8.20
C ARG A 64 8.21 -4.30 9.33
N ALA A 65 7.19 -4.28 10.20
CA ALA A 65 7.12 -3.25 11.23
C ALA A 65 6.31 -3.77 12.41
N HIS A 66 6.69 -3.35 13.61
CA HIS A 66 6.05 -3.79 14.84
C HIS A 66 6.35 -2.76 15.92
N ALA A 67 5.37 -2.49 16.80
CA ALA A 67 5.57 -1.47 17.82
C ALA A 67 6.71 -1.82 18.78
N ASP A 68 6.98 -3.11 18.95
CA ASP A 68 8.02 -3.58 19.88
C ASP A 68 8.77 -4.72 19.21
N PRO A 69 9.66 -4.40 18.25
CA PRO A 69 10.29 -5.45 17.45
C PRO A 69 11.05 -6.48 18.26
N ALA A 70 11.67 -6.07 19.38
CA ALA A 70 12.47 -7.00 20.17
C ALA A 70 11.60 -8.13 20.73
N ASN A 71 10.37 -7.83 21.12
CA ASN A 71 9.49 -8.78 21.80
C ASN A 71 8.42 -9.37 20.89
N ALA A 72 8.46 -9.07 19.59
CA ALA A 72 7.40 -9.52 18.70
C ALA A 72 7.45 -11.03 18.49
N PRO A 73 6.31 -11.66 18.21
CA PRO A 73 6.33 -13.09 17.87
C PRO A 73 7.21 -13.36 16.66
N ARG A 74 8.02 -14.42 16.75
CA ARG A 74 9.04 -14.74 15.76
C ARG A 74 8.69 -16.00 14.99
N TYR A 75 9.11 -16.03 13.72
CA TYR A 75 9.01 -17.25 12.94
C TYR A 75 10.17 -18.20 13.28
N VAL A 76 11.41 -17.72 13.17
CA VAL A 76 12.60 -18.39 13.69
C VAL A 76 13.40 -17.38 14.48
N HIS A 77 14.36 -17.88 15.25
CA HIS A 77 15.26 -17.04 16.05
C HIS A 77 16.52 -16.74 15.25
N ASN A 78 16.59 -15.53 14.69
CA ASN A 78 17.75 -15.11 13.90
C ASN A 78 17.86 -13.59 13.93
N PRO A 79 18.96 -13.05 14.43
CA PRO A 79 19.08 -11.58 14.52
C PRO A 79 19.24 -10.89 13.17
N PHE A 80 19.75 -11.60 12.16
CA PHE A 80 19.90 -10.98 10.84
C PHE A 80 18.54 -10.76 10.19
N LEU A 81 17.68 -11.79 10.23
CA LEU A 81 16.30 -11.64 9.78
C LEU A 81 15.58 -10.51 10.52
N ASP A 82 15.89 -10.32 11.81
CA ASP A 82 15.24 -9.27 12.59
C ASP A 82 15.57 -7.87 12.09
N LEU A 83 16.66 -7.71 11.32
CA LEU A 83 17.04 -6.38 10.86
C LEU A 83 16.06 -5.80 9.84
N LEU A 84 15.20 -6.63 9.24
CA LEU A 84 14.19 -6.14 8.31
C LEU A 84 13.12 -5.30 8.99
N VAL A 85 13.01 -5.38 10.32
CA VAL A 85 11.87 -4.83 11.05
C VAL A 85 12.30 -3.57 11.79
N VAL A 86 11.48 -2.52 11.67
CA VAL A 86 11.63 -1.29 12.45
C VAL A 86 10.33 -1.04 13.22
N ASP A 87 10.39 -0.09 14.17
CA ASP A 87 9.29 0.13 15.09
C ASP A 87 8.33 1.24 14.67
N ASP A 88 8.62 1.93 13.57
CA ASP A 88 7.83 3.07 13.10
C ASP A 88 7.20 2.68 11.77
N PHE A 89 5.86 2.72 11.70
CA PHE A 89 5.16 2.23 10.51
C PHE A 89 5.37 3.15 9.31
N ASP A 90 5.47 4.45 9.55
CA ASP A 90 5.80 5.35 8.46
C ASP A 90 7.21 5.10 7.94
N LEU A 91 8.16 4.90 8.85
CA LEU A 91 9.54 4.64 8.44
C LEU A 91 9.64 3.34 7.65
N ALA A 92 8.88 2.31 8.05
CA ALA A 92 8.91 1.05 7.31
C ALA A 92 8.47 1.24 5.87
N ARG A 93 7.45 2.06 5.63
CA ARG A 93 7.01 2.34 4.27
C ARG A 93 8.10 3.03 3.47
N THR A 94 8.72 4.07 4.03
CA THR A 94 9.69 4.81 3.24
C THR A 94 10.97 4.01 3.04
N LEU A 95 11.37 3.19 4.02
CA LEU A 95 12.54 2.33 3.81
C LEU A 95 12.28 1.31 2.71
N HIS A 96 11.08 0.73 2.68
CA HIS A 96 10.79 -0.24 1.64
C HIS A 96 10.78 0.42 0.26
N ALA A 97 10.16 1.60 0.16
CA ALA A 97 10.17 2.30 -1.12
C ALA A 97 11.61 2.62 -1.55
N GLU A 98 12.42 3.12 -0.61
CA GLU A 98 13.79 3.47 -0.94
C GLU A 98 14.57 2.26 -1.44
N MET A 99 14.43 1.13 -0.75
CA MET A 99 15.16 -0.07 -1.13
C MET A 99 14.79 -0.52 -2.53
N ARG A 100 13.50 -0.43 -2.89
CA ARG A 100 13.11 -0.85 -4.22
C ARG A 100 13.63 0.11 -5.30
N SER A 101 13.66 1.41 -5.02
CA SER A 101 14.24 2.32 -6.02
C SER A 101 15.75 2.19 -6.12
N LEU A 102 16.43 1.70 -5.07
CA LEU A 102 17.86 1.41 -5.17
C LEU A 102 18.12 0.19 -6.04
N PHE A 103 17.38 -0.90 -5.79
CA PHE A 103 17.68 -2.22 -6.35
C PHE A 103 17.08 -2.44 -7.74
N THR A 104 15.86 -1.96 -7.98
CA THR A 104 15.17 -2.24 -9.23
C THR A 104 15.99 -1.88 -10.47
N PRO A 105 16.69 -0.75 -10.55
CA PRO A 105 17.50 -0.49 -11.74
C PRO A 105 18.66 -1.47 -11.94
N GLN A 106 19.14 -2.13 -10.88
CA GLN A 106 20.25 -3.04 -11.05
C GLN A 106 19.85 -4.33 -11.75
N PHE A 107 18.55 -4.61 -11.84
CA PHE A 107 18.05 -5.83 -12.46
C PHE A 107 17.14 -5.52 -13.67
N SER A 108 17.32 -4.38 -14.31
CA SER A 108 16.60 -4.13 -15.55
C SER A 108 16.93 -5.22 -16.59
N ALA A 109 16.06 -5.32 -17.59
CA ALA A 109 16.27 -6.31 -18.64
C ALA A 109 17.57 -6.04 -19.38
N ARG A 110 17.87 -4.77 -19.69
CA ARG A 110 19.14 -4.45 -20.32
C ARG A 110 20.30 -4.96 -19.48
N ARG A 111 20.23 -4.78 -18.17
CA ARG A 111 21.36 -5.15 -17.31
CA ARG A 111 21.38 -5.15 -17.33
C ARG A 111 21.53 -6.66 -17.23
N VAL A 112 20.43 -7.40 -17.07
CA VAL A 112 20.50 -8.85 -17.00
C VAL A 112 20.91 -9.43 -18.36
N MET A 113 20.34 -8.92 -19.45
CA MET A 113 20.76 -9.33 -20.78
C MET A 113 22.25 -9.08 -20.98
N ASP A 114 22.74 -7.92 -20.53
CA ASP A 114 24.15 -7.60 -20.69
C ASP A 114 25.04 -8.46 -19.80
N LEU A 115 24.54 -8.90 -18.66
N LEU A 115 24.53 -8.90 -18.66
CA LEU A 115 25.35 -9.75 -17.79
CA LEU A 115 25.28 -9.75 -17.76
C LEU A 115 25.31 -11.21 -18.19
C LEU A 115 25.34 -11.19 -18.23
N THR A 116 24.44 -11.60 -19.12
CA THR A 116 24.27 -13.01 -19.45
C THR A 116 25.53 -13.67 -20.04
N PRO A 117 26.21 -13.10 -21.05
CA PRO A 117 27.48 -13.73 -21.47
C PRO A 117 28.44 -13.98 -20.31
N ARG A 118 28.50 -13.05 -19.37
CA ARG A 118 29.33 -13.21 -18.18
C ARG A 118 28.84 -14.35 -17.29
N VAL A 119 27.52 -14.47 -17.11
CA VAL A 119 26.96 -15.57 -16.32
C VAL A 119 27.29 -16.91 -16.97
N GLU A 120 27.13 -17.00 -18.28
CA GLU A 120 27.43 -18.25 -18.94
C GLU A 120 28.91 -18.60 -18.81
N ALA A 121 29.79 -17.58 -18.89
CA ALA A 121 31.22 -17.83 -18.76
C ALA A 121 31.57 -18.30 -17.35
N LEU A 122 30.92 -17.73 -16.32
CA LEU A 122 31.19 -18.19 -14.96
C LEU A 122 30.74 -19.63 -14.76
N ALA A 123 29.57 -19.99 -15.31
CA ALA A 123 29.13 -21.38 -15.22
C ALA A 123 30.15 -22.34 -15.83
N GLU A 124 30.71 -21.97 -17.01
CA GLU A 124 31.69 -22.84 -17.66
C GLU A 124 32.92 -23.05 -16.79
N GLY A 125 33.40 -21.99 -16.13
CA GLY A 125 34.55 -22.12 -15.26
C GLY A 125 34.28 -22.98 -14.02
N VAL A 126 33.13 -22.76 -13.39
CA VAL A 126 32.78 -23.60 -12.23
C VAL A 126 32.63 -25.05 -12.64
N LEU A 127 31.99 -25.32 -13.79
CA LEU A 127 31.85 -26.70 -14.26
C LEU A 127 33.21 -27.38 -14.43
N ALA A 128 34.19 -26.68 -15.01
CA ALA A 128 35.53 -27.26 -15.17
C ALA A 128 36.09 -27.72 -13.83
N HIS A 129 35.91 -26.92 -12.78
CA HIS A 129 36.38 -27.31 -11.45
C HIS A 129 35.56 -28.46 -10.89
N PHE A 130 34.25 -28.46 -11.16
CA PHE A 130 33.37 -29.51 -10.66
C PHE A 130 33.75 -30.88 -11.24
N VAL A 131 34.09 -30.94 -12.54
CA VAL A 131 34.35 -32.21 -13.19
C VAL A 131 35.84 -32.57 -13.24
N ALA A 132 36.73 -31.74 -12.68
CA ALA A 132 38.16 -31.88 -12.97
C ALA A 132 38.69 -33.27 -12.63
N GLN A 133 38.18 -33.85 -11.55
CA GLN A 133 38.65 -35.17 -11.12
C GLN A 133 37.79 -36.30 -11.62
N GLY A 134 36.75 -36.03 -12.39
CA GLY A 134 35.82 -37.05 -12.79
C GLY A 134 34.82 -37.35 -11.69
N PRO A 135 33.89 -38.26 -11.96
CA PRO A 135 32.81 -38.57 -11.00
C PRO A 135 33.27 -39.58 -9.97
N PRO A 136 32.60 -39.67 -8.81
CA PRO A 136 31.44 -38.86 -8.41
C PRO A 136 31.84 -37.49 -7.85
N ALA A 137 30.85 -36.64 -7.59
CA ALA A 137 31.12 -35.31 -7.06
C ALA A 137 29.85 -34.77 -6.41
N ASP A 138 30.02 -33.71 -5.63
CA ASP A 138 28.95 -33.11 -4.84
C ASP A 138 28.42 -31.90 -5.61
N LEU A 139 27.28 -32.07 -6.27
CA LEU A 139 26.74 -30.99 -7.10
C LEU A 139 26.47 -29.73 -6.27
N HIS A 140 26.03 -29.91 -5.03
CA HIS A 140 25.67 -28.74 -4.21
C HIS A 140 26.89 -27.91 -3.85
N ASN A 141 27.85 -28.51 -3.15
CA ASN A 141 28.99 -27.78 -2.63
C ASN A 141 30.00 -27.44 -3.71
N ASP A 142 30.07 -28.21 -4.79
CA ASP A 142 31.11 -27.98 -5.78
C ASP A 142 30.60 -27.51 -7.12
N PHE A 143 29.29 -27.32 -7.29
CA PHE A 143 28.82 -26.60 -8.46
C PHE A 143 27.78 -25.53 -8.10
N SER A 144 26.68 -25.93 -7.47
CA SER A 144 25.55 -25.02 -7.26
C SER A 144 25.94 -23.80 -6.44
N LEU A 145 26.55 -24.02 -5.26
CA LEU A 145 26.97 -22.89 -4.44
C LEU A 145 28.03 -22.04 -5.10
N PRO A 146 29.17 -22.58 -5.58
CA PRO A 146 30.17 -21.70 -6.21
C PRO A 146 29.65 -20.97 -7.43
N PHE A 147 28.80 -21.59 -8.24
CA PHE A 147 28.22 -20.86 -9.36
C PHE A 147 27.30 -19.75 -8.89
N SER A 148 26.35 -20.05 -8.01
CA SER A 148 25.47 -19.02 -7.48
C SER A 148 26.26 -17.88 -6.87
N LEU A 149 27.29 -18.21 -6.09
CA LEU A 149 28.09 -17.19 -5.44
C LEU A 149 28.91 -16.38 -6.45
N SER A 150 29.51 -17.03 -7.44
CA SER A 150 30.33 -16.26 -8.37
C SER A 150 29.49 -15.27 -9.15
N VAL A 151 28.22 -15.61 -9.45
CA VAL A 151 27.38 -14.66 -10.17
C VAL A 151 27.08 -13.45 -9.30
N LEU A 152 26.66 -13.69 -8.05
CA LEU A 152 26.34 -12.58 -7.17
C LEU A 152 27.55 -11.69 -6.95
N CYS A 153 28.74 -12.29 -6.81
CA CYS A 153 29.94 -11.49 -6.58
C CYS A 153 30.30 -10.66 -7.80
N ALA A 154 30.12 -11.22 -9.02
CA ALA A 154 30.39 -10.46 -10.23
C ALA A 154 29.45 -9.28 -10.36
N LEU A 155 28.16 -9.50 -10.07
CA LEU A 155 27.17 -8.42 -10.15
C LEU A 155 27.38 -7.37 -9.06
N ILE A 156 27.61 -7.81 -7.82
CA ILE A 156 27.69 -6.89 -6.70
C ILE A 156 29.04 -6.18 -6.64
N GLY A 157 30.11 -6.88 -7.01
CA GLY A 157 31.42 -6.26 -7.03
C GLY A 157 32.37 -6.76 -5.96
N VAL A 158 32.27 -8.04 -5.59
CA VAL A 158 33.15 -8.64 -4.60
C VAL A 158 34.32 -9.27 -5.34
N PRO A 159 35.57 -8.86 -5.08
CA PRO A 159 36.70 -9.43 -5.80
C PRO A 159 36.98 -10.87 -5.39
N ALA A 160 37.87 -11.50 -6.16
CA ALA A 160 38.13 -12.93 -6.01
C ALA A 160 38.73 -13.26 -4.65
N GLU A 161 39.62 -12.41 -4.14
CA GLU A 161 40.32 -12.73 -2.91
C GLU A 161 39.41 -12.72 -1.69
N GLU A 162 38.16 -12.26 -1.81
CA GLU A 162 37.24 -12.26 -0.69
C GLU A 162 36.11 -13.27 -0.82
N GLN A 163 35.94 -13.89 -1.98
CA GLN A 163 34.85 -14.84 -2.15
C GLN A 163 35.04 -16.10 -1.30
N GLY A 164 36.29 -16.41 -0.93
CA GLY A 164 36.52 -17.60 -0.12
C GLY A 164 35.91 -17.51 1.25
N LYS A 165 35.92 -16.32 1.85
CA LYS A 165 35.36 -16.15 3.18
C LYS A 165 33.84 -16.01 3.16
N LEU A 166 33.25 -15.72 2.00
CA LEU A 166 31.84 -15.38 1.94
C LEU A 166 30.95 -16.57 2.29
N ILE A 167 31.21 -17.74 1.69
CA ILE A 167 30.36 -18.89 1.96
C ILE A 167 30.32 -19.20 3.45
N ALA A 168 31.46 -19.07 4.13
CA ALA A 168 31.52 -19.32 5.56
C ALA A 168 30.75 -18.27 6.35
N ALA A 169 31.03 -16.99 6.09
CA ALA A 169 30.33 -15.92 6.80
C ALA A 169 28.84 -15.92 6.51
N LEU A 170 28.44 -16.24 5.27
CA LEU A 170 27.03 -16.32 4.94
C LEU A 170 26.36 -17.53 5.57
N THR A 171 27.11 -18.60 5.80
CA THR A 171 26.55 -19.77 6.47
C THR A 171 26.22 -19.44 7.94
N LYS A 172 27.16 -18.84 8.65
CA LYS A 172 26.88 -18.52 10.04
C LYS A 172 25.89 -17.38 10.18
N LEU A 173 25.69 -16.60 9.11
CA LEU A 173 24.68 -15.55 9.14
C LEU A 173 23.28 -16.15 9.25
N GLY A 174 23.05 -17.29 8.60
CA GLY A 174 21.75 -17.93 8.57
C GLY A 174 21.47 -18.91 9.70
N GLU A 175 22.32 -19.00 10.71
CA GLU A 175 22.12 -20.00 11.74
C GLU A 175 20.97 -19.62 12.66
N LEU A 176 20.22 -20.62 13.09
CA LEU A 176 19.05 -20.43 13.93
C LEU A 176 19.36 -20.78 15.38
N ASP A 177 18.82 -19.99 16.30
CA ASP A 177 18.97 -20.21 17.73
C ASP A 177 20.41 -20.06 18.19
N ASP A 178 21.16 -19.15 17.58
CA ASP A 178 22.53 -18.86 17.98
C ASP A 178 22.83 -17.42 17.60
N PRO A 179 22.34 -16.46 18.40
CA PRO A 179 22.56 -15.05 18.05
C PRO A 179 24.02 -14.64 18.06
N ALA A 180 24.84 -15.29 18.87
CA ALA A 180 26.26 -14.92 18.94
C ALA A 180 27.00 -15.29 17.66
N ARG A 181 26.66 -16.43 17.06
CA ARG A 181 27.32 -16.81 15.81
C ARG A 181 26.80 -15.99 14.64
N VAL A 182 25.53 -15.60 14.66
CA VAL A 182 25.03 -14.70 13.63
C VAL A 182 25.73 -13.36 13.72
N GLN A 183 26.04 -12.92 14.93
CA GLN A 183 26.75 -11.65 15.10
C GLN A 183 28.17 -11.72 14.54
N GLU A 184 28.83 -12.87 14.63
CA GLU A 184 30.17 -13.00 14.06
C GLU A 184 30.14 -12.77 12.56
N GLY A 185 29.37 -13.59 11.83
CA GLY A 185 29.28 -13.43 10.39
C GLY A 185 28.75 -12.07 9.98
N GLN A 186 27.83 -11.53 10.78
CA GLN A 186 27.36 -10.17 10.55
C GLN A 186 28.52 -9.18 10.63
N ASP A 187 29.31 -9.24 11.71
CA ASP A 187 30.50 -8.40 11.85
C ASP A 187 31.42 -8.56 10.64
N GLU A 188 31.76 -9.80 10.30
CA GLU A 188 32.75 -10.05 9.26
C GLU A 188 32.23 -9.61 7.89
N LEU A 189 30.96 -9.88 7.60
CA LEU A 189 30.41 -9.55 6.29
C LEU A 189 30.19 -8.04 6.14
N PHE A 190 29.58 -7.41 7.15
CA PHE A 190 29.32 -5.98 7.09
C PHE A 190 30.62 -5.19 6.96
N GLY A 191 31.66 -5.61 7.69
CA GLY A 191 32.95 -4.95 7.57
C GLY A 191 33.57 -5.12 6.20
N LEU A 192 33.45 -6.31 5.62
CA LEU A 192 33.99 -6.55 4.30
C LEU A 192 33.29 -5.69 3.24
N LEU A 193 31.95 -5.68 3.26
CA LEU A 193 31.23 -5.04 2.16
C LEU A 193 31.31 -3.52 2.25
N SER A 194 31.32 -2.96 3.45
CA SER A 194 31.41 -1.51 3.58
C SER A 194 32.80 -1.00 3.22
N GLY A 195 33.84 -1.79 3.49
CA GLY A 195 35.17 -1.42 3.03
C GLY A 195 35.27 -1.39 1.52
N LEU A 196 34.61 -2.36 0.85
CA LEU A 196 34.53 -2.33 -0.61
C LEU A 196 33.86 -1.06 -1.10
N ALA A 197 32.79 -0.63 -0.42
CA ALA A 197 32.09 0.59 -0.80
C ALA A 197 32.99 1.81 -0.65
N ARG A 198 33.77 1.89 0.42
CA ARG A 198 34.70 3.00 0.58
C ARG A 198 35.66 3.07 -0.60
N ARG A 199 36.11 1.92 -1.10
CA ARG A 199 37.03 1.90 -2.23
C ARG A 199 36.31 2.28 -3.53
N LYS A 200 35.13 1.70 -3.76
CA LYS A 200 34.41 1.95 -5.00
C LYS A 200 33.76 3.34 -5.04
N ARG A 201 33.54 3.97 -3.89
CA ARG A 201 33.15 5.38 -3.90
C ARG A 201 34.26 6.24 -4.50
N ILE A 202 35.52 5.89 -4.23
CA ILE A 202 36.66 6.63 -4.76
C ILE A 202 36.96 6.21 -6.19
N THR A 203 36.83 4.92 -6.50
CA THR A 203 37.16 4.36 -7.80
C THR A 203 35.98 3.52 -8.28
N PRO A 204 35.03 4.12 -9.00
CA PRO A 204 33.81 3.39 -9.37
C PRO A 204 34.12 2.29 -10.38
N GLU A 205 33.42 1.17 -10.23
CA GLU A 205 33.49 0.06 -11.18
C GLU A 205 32.08 -0.30 -11.63
N ASP A 206 32.00 -1.15 -12.64
CA ASP A 206 30.71 -1.59 -13.17
C ASP A 206 30.17 -2.70 -12.28
N ASP A 207 29.61 -2.30 -11.13
CA ASP A 207 29.00 -3.27 -10.22
C ASP A 207 27.99 -2.53 -9.34
N VAL A 208 27.25 -3.30 -8.55
CA VAL A 208 26.12 -2.72 -7.81
C VAL A 208 26.61 -1.82 -6.69
N ILE A 209 27.63 -2.26 -5.94
CA ILE A 209 28.13 -1.44 -4.84
C ILE A 209 28.55 -0.06 -5.34
N SER A 210 29.28 0.00 -6.46
CA SER A 210 29.67 1.31 -6.99
C SER A 210 28.44 2.18 -7.27
N ARG A 211 27.39 1.60 -7.83
CA ARG A 211 26.21 2.40 -8.15
C ARG A 211 25.41 2.75 -6.91
N LEU A 212 25.44 1.89 -5.89
CA LEU A 212 24.79 2.24 -4.62
C LEU A 212 25.47 3.43 -3.97
N CYS A 213 26.77 3.60 -4.16
CA CYS A 213 27.48 4.72 -3.55
C CYS A 213 26.92 6.05 -4.00
N LEU A 214 26.42 6.12 -5.23
CA LEU A 214 25.93 7.39 -5.78
C LEU A 214 24.64 7.85 -5.11
N LYS A 215 23.90 6.95 -4.47
CA LYS A 215 22.65 7.29 -3.81
C LYS A 215 22.66 7.03 -2.30
N VAL A 216 23.66 6.31 -1.78
CA VAL A 216 23.78 6.00 -0.37
C VAL A 216 25.10 6.57 0.14
N PRO A 217 25.09 7.75 0.76
CA PRO A 217 26.37 8.39 1.15
C PRO A 217 27.13 7.64 2.22
N SER A 218 26.49 6.73 2.95
CA SER A 218 27.10 6.04 4.07
C SER A 218 27.65 4.69 3.62
N ASP A 219 28.97 4.49 3.79
CA ASP A 219 29.57 3.18 3.53
C ASP A 219 29.05 2.15 4.51
N GLU A 220 28.82 2.56 5.77
CA GLU A 220 28.31 1.65 6.79
C GLU A 220 26.99 1.04 6.38
N ARG A 221 26.10 1.85 5.81
CA ARG A 221 24.76 1.37 5.45
C ARG A 221 24.82 0.40 4.27
N ILE A 222 25.84 0.52 3.42
CA ILE A 222 25.98 -0.38 2.28
C ILE A 222 26.32 -1.79 2.75
N GLY A 223 26.95 -1.93 3.91
CA GLY A 223 27.23 -3.22 4.50
C GLY A 223 26.01 -4.12 4.61
N PRO A 224 24.99 -3.69 5.36
CA PRO A 224 23.77 -4.53 5.47
C PRO A 224 23.02 -4.65 4.16
N ILE A 225 23.00 -3.59 3.35
CA ILE A 225 22.28 -3.63 2.08
C ILE A 225 22.87 -4.71 1.18
N ALA A 226 24.18 -4.64 0.95
CA ALA A 226 24.84 -5.63 0.10
C ALA A 226 24.71 -7.03 0.69
N SER A 227 24.82 -7.14 2.02
CA SER A 227 24.64 -8.44 2.68
C SER A 227 23.25 -9.00 2.40
N GLY A 228 22.23 -8.13 2.43
CA GLY A 228 20.89 -8.57 2.11
C GLY A 228 20.80 -9.18 0.71
N LEU A 229 21.35 -8.48 -0.28
CA LEU A 229 21.31 -8.97 -1.65
C LEU A 229 21.99 -10.33 -1.77
N LEU A 230 23.19 -10.46 -1.21
CA LEU A 230 23.92 -11.73 -1.30
C LEU A 230 23.11 -12.87 -0.71
N PHE A 231 22.54 -12.63 0.49
CA PHE A 231 21.83 -13.70 1.18
C PHE A 231 20.50 -14.02 0.51
N ALA A 232 19.90 -13.02 -0.13
CA ALA A 232 18.66 -13.23 -0.85
C ALA A 232 18.85 -14.16 -2.05
N GLY A 233 20.02 -14.12 -2.69
CA GLY A 233 20.19 -14.92 -3.89
C GLY A 233 21.08 -16.15 -3.81
N LEU A 234 21.87 -16.29 -2.75
CA LEU A 234 22.89 -17.34 -2.77
C LEU A 234 22.26 -18.74 -2.65
N ASP A 235 21.62 -19.02 -1.50
CA ASP A 235 21.05 -20.34 -1.26
C ASP A 235 19.78 -20.57 -2.07
N SER A 236 19.02 -19.49 -2.33
CA SER A 236 17.81 -19.62 -3.15
C SER A 236 18.13 -20.15 -4.55
N VAL A 237 19.13 -19.56 -5.22
CA VAL A 237 19.51 -20.04 -6.54
C VAL A 237 20.18 -21.41 -6.45
N ALA A 238 21.11 -21.56 -5.51
CA ALA A 238 21.85 -22.82 -5.41
C ALA A 238 20.92 -23.99 -5.16
N SER A 239 19.97 -23.84 -4.25
CA SER A 239 19.11 -24.97 -3.93
C SER A 239 18.18 -25.29 -5.08
N HIS A 240 17.82 -24.30 -5.89
CA HIS A 240 16.99 -24.64 -7.06
C HIS A 240 17.81 -25.29 -8.17
N ILE A 241 19.08 -24.94 -8.31
CA ILE A 241 19.94 -25.74 -9.20
C ILE A 241 19.94 -27.20 -8.75
N ASP A 242 20.14 -27.44 -7.44
CA ASP A 242 20.18 -28.80 -6.91
C ASP A 242 18.89 -29.56 -7.20
N LEU A 243 17.76 -29.00 -6.74
CA LEU A 243 16.49 -29.71 -6.80
C LEU A 243 16.00 -29.82 -8.24
N GLY A 244 16.20 -28.78 -9.05
CA GLY A 244 15.84 -28.88 -10.45
C GLY A 244 16.65 -29.93 -11.18
N THR A 245 17.92 -30.08 -10.80
CA THR A 245 18.73 -31.15 -11.40
C THR A 245 18.18 -32.52 -11.03
N VAL A 246 17.74 -32.69 -9.78
CA VAL A 246 17.13 -33.97 -9.39
C VAL A 246 15.84 -34.21 -10.17
N LEU A 247 14.98 -33.18 -10.24
CA LEU A 247 13.74 -33.31 -11.00
C LEU A 247 14.01 -33.74 -12.43
N PHE A 248 15.05 -33.18 -13.05
CA PHE A 248 15.38 -33.54 -14.42
C PHE A 248 15.91 -34.97 -14.50
N ILE A 249 16.72 -35.38 -13.53
CA ILE A 249 17.14 -36.78 -13.48
C ILE A 249 15.93 -37.70 -13.39
N GLN A 250 14.92 -37.28 -12.63
CA GLN A 250 13.75 -38.13 -12.45
C GLN A 250 12.83 -38.13 -13.67
N HIS A 251 12.96 -37.17 -14.57
CA HIS A 251 12.05 -37.02 -15.71
C HIS A 251 12.86 -36.86 -16.99
N PRO A 252 13.56 -37.92 -17.42
CA PRO A 252 14.55 -37.74 -18.49
C PRO A 252 13.95 -37.38 -19.84
N ASP A 253 12.76 -37.90 -20.17
CA ASP A 253 12.17 -37.52 -21.46
C ASP A 253 11.76 -36.05 -21.47
N GLN A 254 11.31 -35.50 -20.34
CA GLN A 254 11.07 -34.07 -20.27
C GLN A 254 12.38 -33.29 -20.33
N LEU A 255 13.45 -33.79 -19.69
CA LEU A 255 14.74 -33.11 -19.80
C LEU A 255 15.21 -33.09 -21.26
N ALA A 256 15.04 -34.19 -21.98
CA ALA A 256 15.48 -34.25 -23.37
C ALA A 256 14.76 -33.19 -24.21
N ALA A 257 13.46 -33.02 -23.98
CA ALA A 257 12.70 -32.04 -24.74
C ALA A 257 13.11 -30.61 -24.38
N ALA A 258 13.42 -30.37 -23.11
CA ALA A 258 13.84 -29.04 -22.68
C ALA A 258 15.20 -28.66 -23.27
N LEU A 259 16.11 -29.62 -23.38
CA LEU A 259 17.43 -29.35 -23.98
C LEU A 259 17.33 -29.04 -25.47
N ALA A 260 16.38 -29.65 -26.18
CA ALA A 260 16.23 -29.40 -27.61
C ALA A 260 15.48 -28.12 -27.95
N ASP A 261 14.86 -27.44 -26.98
CA ASP A 261 13.94 -26.33 -27.28
C ASP A 261 14.00 -25.33 -26.14
N GLU A 262 14.51 -24.12 -26.43
CA GLU A 262 14.71 -23.14 -25.36
C GLU A 262 13.40 -22.73 -24.70
N LYS A 263 12.32 -22.66 -25.47
CA LYS A 263 11.02 -22.33 -24.87
C LYS A 263 10.59 -23.42 -23.90
N LEU A 264 10.86 -24.68 -24.23
CA LEU A 264 10.54 -25.73 -23.28
C LEU A 264 11.42 -25.65 -22.04
N MET A 265 12.69 -25.25 -22.21
CA MET A 265 13.55 -25.05 -21.04
C MET A 265 13.02 -23.93 -20.16
N ARG A 266 12.57 -22.83 -20.76
CA ARG A 266 12.00 -21.76 -19.95
C ARG A 266 10.78 -22.25 -19.19
N GLY A 267 9.92 -23.04 -19.85
CA GLY A 267 8.80 -23.65 -19.14
C GLY A 267 9.25 -24.58 -18.04
N ALA A 268 10.33 -25.34 -18.29
CA ALA A 268 10.81 -26.26 -17.26
C ALA A 268 11.33 -25.50 -16.05
N VAL A 269 12.08 -24.43 -16.27
CA VAL A 269 12.53 -23.60 -15.15
C VAL A 269 11.33 -23.13 -14.32
N GLU A 270 10.25 -22.70 -14.99
CA GLU A 270 9.08 -22.24 -14.24
C GLU A 270 8.45 -23.37 -13.45
N GLU A 271 8.44 -24.58 -14.01
CA GLU A 271 7.87 -25.69 -13.26
C GLU A 271 8.76 -26.11 -12.11
N ILE A 272 10.08 -25.93 -12.25
CA ILE A 272 10.98 -26.21 -11.14
C ILE A 272 10.76 -25.19 -10.02
N LEU A 273 10.65 -23.90 -10.39
CA LEU A 273 10.34 -22.87 -9.40
C LEU A 273 9.00 -23.14 -8.72
N ARG A 274 8.00 -23.59 -9.48
CA ARG A 274 6.70 -23.88 -8.86
C ARG A 274 6.81 -24.98 -7.80
N SER A 275 7.55 -26.05 -8.09
CA SER A 275 7.34 -27.29 -7.36
C SER A 275 8.54 -27.79 -6.56
N ALA A 276 9.73 -27.25 -6.75
CA ALA A 276 10.93 -27.87 -6.18
C ALA A 276 10.87 -27.91 -4.65
N LYS A 277 10.49 -26.80 -4.01
CA LYS A 277 10.55 -26.73 -2.55
C LYS A 277 9.33 -27.37 -1.90
N ALA A 278 8.15 -27.19 -2.49
CA ALA A 278 6.94 -27.86 -2.03
C ALA A 278 6.58 -27.45 -0.59
N GLY A 279 6.56 -26.15 -0.35
CA GLY A 279 6.18 -25.64 0.95
C GLY A 279 7.39 -25.33 1.83
N GLY A 280 7.14 -24.52 2.85
CA GLY A 280 8.20 -24.09 3.74
C GLY A 280 8.96 -22.87 3.29
N SER A 281 8.55 -22.22 2.20
CA SER A 281 9.26 -21.05 1.69
C SER A 281 8.66 -19.78 2.30
N VAL A 282 8.87 -19.64 3.61
CA VAL A 282 8.17 -18.67 4.42
C VAL A 282 9.03 -17.43 4.61
N LEU A 283 8.45 -16.25 4.37
CA LEU A 283 8.98 -15.00 4.90
C LEU A 283 7.93 -14.37 5.81
N PRO A 284 8.34 -13.70 6.89
CA PRO A 284 7.36 -13.14 7.83
C PRO A 284 6.91 -11.73 7.49
N ARG A 285 5.71 -11.40 7.99
CA ARG A 285 5.20 -10.02 8.07
C ARG A 285 4.55 -9.82 9.43
N TYR A 286 4.29 -8.56 9.76
CA TYR A 286 3.41 -8.23 10.87
C TYR A 286 2.23 -7.42 10.37
N ALA A 287 1.09 -7.62 11.00
CA ALA A 287 -0.05 -6.75 10.79
C ALA A 287 0.17 -5.45 11.55
N THR A 288 0.02 -4.32 10.86
CA THR A 288 0.07 -3.04 11.56
C THR A 288 -1.32 -2.59 12.01
N ALA A 289 -2.36 -3.29 11.58
CA ALA A 289 -3.73 -3.05 12.00
C ALA A 289 -4.49 -4.36 11.80
N ASP A 290 -5.72 -4.43 12.30
CA ASP A 290 -6.52 -5.63 12.10
C ASP A 290 -6.74 -5.87 10.62
N VAL A 291 -6.63 -7.13 10.21
CA VAL A 291 -6.85 -7.52 8.81
C VAL A 291 -7.82 -8.69 8.77
N PRO A 292 -9.05 -8.50 8.29
CA PRO A 292 -9.94 -9.64 8.05
C PRO A 292 -9.56 -10.32 6.73
N ILE A 293 -9.40 -11.65 6.78
CA ILE A 293 -8.98 -12.40 5.59
C ILE A 293 -9.52 -13.81 5.71
N GLY A 294 -10.13 -14.29 4.62
CA GLY A 294 -10.89 -15.53 4.72
C GLY A 294 -11.97 -15.34 5.78
N ASP A 295 -11.93 -16.19 6.79
CA ASP A 295 -12.93 -16.17 7.86
C ASP A 295 -12.30 -15.91 9.21
N VAL A 296 -11.09 -15.35 9.24
CA VAL A 296 -10.43 -15.01 10.49
C VAL A 296 -10.11 -13.51 10.46
N THR A 297 -9.72 -13.00 11.62
CA THR A 297 -9.21 -11.64 11.72
C THR A 297 -7.78 -11.72 12.24
N ILE A 298 -6.83 -11.36 11.39
CA ILE A 298 -5.47 -11.16 11.86
C ILE A 298 -5.44 -9.87 12.68
N ARG A 299 -4.91 -9.94 13.90
CA ARG A 299 -4.90 -8.81 14.81
C ARG A 299 -3.63 -7.99 14.64
N ALA A 300 -3.73 -6.70 14.96
CA ALA A 300 -2.57 -5.81 14.90
C ALA A 300 -1.45 -6.35 15.78
N GLY A 301 -0.23 -6.36 15.26
CA GLY A 301 0.88 -6.95 15.96
C GLY A 301 1.09 -8.44 15.74
N ASP A 302 0.12 -9.14 15.16
CA ASP A 302 0.26 -10.58 14.93
C ASP A 302 1.32 -10.89 13.88
N LEU A 303 1.88 -12.09 13.99
CA LEU A 303 2.84 -12.62 13.03
C LEU A 303 2.09 -13.30 11.89
N VAL A 304 2.49 -12.99 10.66
CA VAL A 304 1.90 -13.58 9.47
C VAL A 304 3.02 -14.28 8.68
N LEU A 305 2.80 -15.54 8.36
CA LEU A 305 3.77 -16.36 7.65
C LEU A 305 3.30 -16.51 6.21
N LEU A 306 4.03 -15.88 5.28
CA LEU A 306 3.74 -16.00 3.86
C LEU A 306 4.58 -17.14 3.30
N ASP A 307 3.93 -18.24 2.94
CA ASP A 307 4.62 -19.40 2.36
C ASP A 307 4.44 -19.35 0.85
N PHE A 308 5.51 -19.01 0.15
CA PHE A 308 5.44 -18.73 -1.27
C PHE A 308 5.46 -19.98 -2.15
N THR A 309 5.69 -21.17 -1.60
CA THR A 309 5.55 -22.37 -2.41
C THR A 309 4.45 -23.33 -1.98
N LEU A 310 3.97 -23.24 -0.72
CA LEU A 310 2.82 -24.05 -0.34
C LEU A 310 1.62 -23.76 -1.25
N VAL A 311 1.44 -22.48 -1.61
CA VAL A 311 0.34 -22.06 -2.47
C VAL A 311 0.46 -22.62 -3.87
N ASN A 312 1.65 -23.07 -4.29
CA ASN A 312 1.81 -23.66 -5.62
C ASN A 312 1.28 -25.09 -5.71
N PHE A 313 0.71 -25.61 -4.63
CA PHE A 313 0.07 -26.92 -4.61
C PHE A 313 -1.43 -26.79 -4.30
N ASP A 314 -1.93 -25.57 -4.24
CA ASP A 314 -3.36 -25.25 -4.16
C ASP A 314 -4.12 -25.91 -5.30
N ARG A 315 -4.86 -26.99 -5.00
CA ARG A 315 -5.55 -27.72 -6.05
CA ARG A 315 -5.60 -27.74 -6.00
C ARG A 315 -6.64 -26.89 -6.72
N THR A 316 -7.11 -25.80 -6.11
CA THR A 316 -8.09 -24.96 -6.78
C THR A 316 -7.46 -24.09 -7.85
N VAL A 317 -6.13 -24.03 -7.91
CA VAL A 317 -5.41 -23.28 -8.93
C VAL A 317 -4.65 -24.21 -9.87
N PHE A 318 -4.00 -25.23 -9.34
CA PHE A 318 -3.15 -26.11 -10.16
C PHE A 318 -3.78 -27.50 -10.27
N ASP A 319 -3.86 -28.02 -11.49
CA ASP A 319 -4.31 -29.38 -11.71
C ASP A 319 -3.15 -30.34 -11.49
N GLU A 320 -3.36 -31.36 -10.65
CA GLU A 320 -2.34 -32.33 -10.31
C GLU A 320 -1.02 -31.66 -9.92
N PRO A 321 -1.02 -30.84 -8.87
CA PRO A 321 0.20 -30.08 -8.53
C PRO A 321 1.37 -30.97 -8.17
N GLU A 322 1.14 -32.21 -7.77
CA GLU A 322 2.22 -33.09 -7.36
C GLU A 322 3.04 -33.62 -8.54
N LEU A 323 2.54 -33.49 -9.76
CA LEU A 323 3.22 -33.97 -10.95
C LEU A 323 4.13 -32.90 -11.55
N PHE A 324 5.32 -33.32 -11.99
CA PHE A 324 6.26 -32.45 -12.68
C PHE A 324 5.91 -32.42 -14.17
N ASP A 325 5.50 -31.25 -14.67
CA ASP A 325 5.07 -31.12 -16.07
C ASP A 325 5.64 -29.81 -16.60
N ILE A 326 6.72 -29.90 -17.37
CA ILE A 326 7.40 -28.69 -17.83
C ILE A 326 6.54 -27.92 -18.83
N ARG A 327 5.53 -28.57 -19.42
CA ARG A 327 4.62 -27.93 -20.35
CA ARG A 327 4.62 -27.91 -20.34
C ARG A 327 3.41 -27.30 -19.64
N ARG A 328 3.39 -27.30 -18.31
CA ARG A 328 2.29 -26.70 -17.56
C ARG A 328 2.08 -25.26 -18.00
N ALA A 329 0.85 -24.94 -18.42
CA ALA A 329 0.58 -23.61 -18.94
C ALA A 329 -0.89 -23.28 -18.81
N PRO A 330 -1.26 -22.14 -18.20
CA PRO A 330 -0.33 -21.18 -17.60
C PRO A 330 0.27 -21.74 -16.32
N ASN A 331 1.26 -21.06 -15.78
CA ASN A 331 1.95 -21.51 -14.57
C ASN A 331 2.00 -20.33 -13.64
N PRO A 332 0.88 -20.02 -12.95
CA PRO A 332 0.84 -18.83 -12.07
C PRO A 332 1.46 -19.04 -10.69
N HIS A 333 2.61 -19.71 -10.60
CA HIS A 333 3.21 -19.93 -9.29
C HIS A 333 3.57 -18.59 -8.63
N LEU A 334 3.69 -18.61 -7.29
CA LEU A 334 3.99 -17.41 -6.53
C LEU A 334 5.36 -17.48 -5.87
N THR A 335 6.26 -18.27 -6.46
CA THR A 335 7.57 -18.50 -5.86
C THR A 335 8.37 -17.22 -5.70
N PHE A 336 8.15 -16.24 -6.56
CA PHE A 336 8.83 -14.95 -6.44
C PHE A 336 7.96 -13.87 -5.79
N GLY A 337 6.79 -14.23 -5.25
CA GLY A 337 5.95 -13.24 -4.63
C GLY A 337 5.16 -12.43 -5.66
N HIS A 338 4.81 -11.22 -5.28
CA HIS A 338 3.90 -10.46 -6.13
C HIS A 338 3.87 -9.00 -5.69
N GLY A 339 3.49 -8.15 -6.63
CA GLY A 339 3.17 -6.77 -6.31
C GLY A 339 4.37 -5.98 -5.88
N MET A 340 4.17 -5.16 -4.85
CA MET A 340 5.20 -4.28 -4.31
CA MET A 340 5.23 -4.29 -4.38
C MET A 340 6.31 -5.04 -3.61
N TRP A 341 6.10 -6.32 -3.32
CA TRP A 341 7.06 -7.17 -2.62
C TRP A 341 7.75 -8.17 -3.55
N HIS A 342 7.52 -8.06 -4.85
CA HIS A 342 7.98 -9.09 -5.77
C HIS A 342 9.51 -9.15 -5.83
N CYS A 343 10.04 -10.38 -5.89
CA CYS A 343 11.48 -10.61 -5.86
C CYS A 343 12.20 -9.76 -6.90
N ILE A 344 13.16 -8.94 -6.45
CA ILE A 344 13.85 -8.07 -7.40
C ILE A 344 14.87 -8.86 -8.21
N GLY A 345 15.38 -9.96 -7.68
CA GLY A 345 16.36 -10.75 -8.41
C GLY A 345 15.80 -11.77 -9.38
N ALA A 346 14.46 -11.85 -9.52
CA ALA A 346 13.87 -12.90 -10.35
C ALA A 346 14.45 -13.00 -11.75
N PRO A 347 14.63 -11.90 -12.53
CA PRO A 347 15.24 -12.05 -13.85
C PRO A 347 16.63 -12.66 -13.80
N LEU A 348 17.42 -12.30 -12.78
CA LEU A 348 18.75 -12.91 -12.67
C LEU A 348 18.64 -14.36 -12.26
N ALA A 349 17.77 -14.67 -11.30
CA ALA A 349 17.63 -16.07 -10.89
C ALA A 349 17.23 -16.94 -12.07
N ARG A 350 16.35 -16.45 -12.94
CA ARG A 350 15.92 -17.27 -14.06
C ARG A 350 17.07 -17.54 -15.03
N VAL A 351 17.91 -16.53 -15.30
CA VAL A 351 19.07 -16.75 -16.17
C VAL A 351 20.04 -17.75 -15.54
N ASN A 352 20.34 -17.58 -14.25
CA ASN A 352 21.24 -18.52 -13.57
C ASN A 352 20.74 -19.95 -13.70
N LEU A 353 19.43 -20.16 -13.53
CA LEU A 353 18.89 -21.52 -13.48
C LEU A 353 18.94 -22.17 -14.87
N ARG A 354 18.47 -21.46 -15.90
CA ARG A 354 18.50 -22.11 -17.21
C ARG A 354 19.92 -22.27 -17.72
N THR A 355 20.83 -21.35 -17.36
CA THR A 355 22.24 -21.53 -17.70
C THR A 355 22.80 -22.80 -17.09
N ALA A 356 22.49 -23.04 -15.81
CA ALA A 356 23.03 -24.20 -15.11
C ALA A 356 22.48 -25.50 -15.69
N TYR A 357 21.15 -25.61 -15.83
CA TYR A 357 20.61 -26.88 -16.33
C TYR A 357 21.10 -27.14 -17.75
N THR A 358 21.14 -26.10 -18.59
CA THR A 358 21.57 -26.32 -19.98
C THR A 358 23.00 -26.83 -20.02
N LEU A 359 23.90 -26.17 -19.28
CA LEU A 359 25.32 -26.55 -19.31
C LEU A 359 25.54 -27.92 -18.69
N LEU A 360 24.97 -28.14 -17.50
CA LEU A 360 25.16 -29.41 -16.79
C LEU A 360 24.78 -30.60 -17.65
N PHE A 361 23.57 -30.57 -18.21
CA PHE A 361 23.09 -31.78 -18.87
C PHE A 361 23.60 -31.94 -20.30
N THR A 362 23.99 -30.87 -20.98
CA THR A 362 24.64 -31.07 -22.28
C THR A 362 26.05 -31.61 -22.10
N ARG A 363 26.78 -31.11 -21.11
CA ARG A 363 28.13 -31.60 -20.88
C ARG A 363 28.12 -32.98 -20.21
N LEU A 364 27.16 -33.21 -19.32
CA LEU A 364 27.12 -34.43 -18.50
C LEU A 364 25.79 -35.14 -18.68
N PRO A 365 25.50 -35.62 -19.90
CA PRO A 365 24.18 -36.24 -20.13
C PRO A 365 23.92 -37.47 -19.27
N GLY A 366 24.96 -38.14 -18.76
CA GLY A 366 24.76 -39.27 -17.89
C GLY A 366 24.49 -38.96 -16.44
N LEU A 367 24.31 -37.69 -16.08
CA LEU A 367 24.12 -37.30 -14.70
C LEU A 367 23.04 -38.13 -14.04
N ARG A 368 23.37 -38.69 -12.88
CA ARG A 368 22.42 -39.43 -12.06
C ARG A 368 22.86 -39.37 -10.61
N LEU A 369 21.93 -39.70 -9.71
CA LEU A 369 22.23 -39.77 -8.28
C LEU A 369 23.12 -40.96 -7.98
N VAL A 370 24.00 -40.80 -6.99
CA VAL A 370 24.79 -41.95 -6.55
C VAL A 370 23.95 -42.88 -5.68
N ARG A 371 23.08 -42.31 -4.86
CA ARG A 371 22.24 -43.08 -3.94
C ARG A 371 20.80 -42.61 -4.07
N PRO A 372 19.83 -43.43 -3.63
CA PRO A 372 18.42 -43.07 -3.82
C PRO A 372 18.11 -41.69 -3.26
N VAL A 373 17.16 -41.00 -3.92
CA VAL A 373 16.78 -39.65 -3.53
C VAL A 373 16.25 -39.60 -2.10
N GLU A 374 15.70 -40.72 -1.59
CA GLU A 374 15.19 -40.75 -0.22
C GLU A 374 16.27 -40.45 0.81
N GLU A 375 17.54 -40.55 0.44
CA GLU A 375 18.64 -40.36 1.36
C GLU A 375 19.18 -38.93 1.39
N LEU A 376 18.68 -38.05 0.53
CA LEU A 376 19.08 -36.65 0.60
C LEU A 376 18.56 -36.02 1.89
N ARG A 377 19.27 -35.00 2.37
CA ARG A 377 18.98 -34.36 3.64
C ARG A 377 19.22 -32.87 3.54
N VAL A 378 18.26 -32.10 4.05
CA VAL A 378 18.36 -30.66 4.16
C VAL A 378 19.07 -30.30 5.46
N LEU A 379 19.91 -29.28 5.43
CA LEU A 379 20.58 -28.84 6.64
C LEU A 379 19.58 -28.31 7.66
N SER A 380 19.77 -28.67 8.92
CA SER A 380 18.84 -28.26 9.96
C SER A 380 19.34 -27.00 10.68
N GLY A 381 18.41 -26.28 11.29
CA GLY A 381 18.76 -25.10 12.06
C GLY A 381 19.35 -23.98 11.23
N GLN A 382 18.87 -23.81 9.99
CA GLN A 382 19.45 -22.87 9.04
C GLN A 382 18.36 -22.08 8.32
N LEU A 383 18.50 -20.77 8.33
CA LEU A 383 17.68 -19.93 7.48
C LEU A 383 18.05 -20.18 6.02
N SER A 384 17.05 -20.44 5.17
CA SER A 384 17.27 -20.69 3.75
C SER A 384 18.12 -21.96 3.57
N ALA A 385 17.64 -23.06 4.15
CA ALA A 385 18.44 -24.25 4.31
C ALA A 385 18.41 -25.10 3.04
N GLY A 386 19.58 -25.51 2.59
CA GLY A 386 19.69 -26.36 1.42
C GLY A 386 20.24 -27.74 1.75
N LEU A 387 20.53 -28.53 0.72
CA LEU A 387 21.07 -29.86 0.93
C LEU A 387 22.40 -29.79 1.65
N THR A 388 22.64 -30.76 2.53
CA THR A 388 23.99 -30.95 3.05
C THR A 388 24.96 -31.36 1.95
N GLU A 389 24.49 -32.14 0.98
CA GLU A 389 25.31 -32.63 -0.12
C GLU A 389 24.35 -33.16 -1.19
N LEU A 390 24.85 -33.24 -2.41
CA LEU A 390 24.11 -33.87 -3.52
C LEU A 390 25.11 -34.66 -4.35
N PRO A 391 25.41 -35.90 -3.93
CA PRO A 391 26.39 -36.72 -4.67
C PRO A 391 25.81 -37.23 -5.98
N VAL A 392 26.53 -36.99 -7.06
CA VAL A 392 26.10 -37.36 -8.40
C VAL A 392 27.26 -38.04 -9.12
N THR A 393 26.94 -38.83 -10.15
CA THR A 393 27.94 -39.41 -11.02
C THR A 393 27.47 -39.18 -12.45
N TRP A 394 28.31 -39.52 -13.42
CA TRP A 394 27.95 -39.24 -14.82
C TRP A 394 28.83 -40.02 -15.78
N ALA B 6 -28.97 -3.44 -17.43
CA ALA B 6 -28.20 -2.21 -17.24
C ALA B 6 -28.14 -1.79 -15.77
N PRO B 7 -26.97 -1.33 -15.32
CA PRO B 7 -26.79 -1.05 -13.89
C PRO B 7 -27.54 0.20 -13.47
N PRO B 8 -27.97 0.28 -12.20
CA PRO B 8 -28.75 1.44 -11.75
C PRO B 8 -27.97 2.74 -11.81
N SER B 9 -28.69 3.84 -12.01
CA SER B 9 -28.07 5.14 -12.16
C SER B 9 -28.01 5.87 -10.83
N LEU B 10 -26.92 6.61 -10.61
CA LEU B 10 -26.76 7.40 -9.40
C LEU B 10 -27.37 8.78 -9.49
N LYS B 11 -27.61 9.29 -10.69
CA LYS B 11 -28.29 10.58 -10.85
C LYS B 11 -29.80 10.35 -10.77
N ALA B 12 -30.29 10.21 -9.53
CA ALA B 12 -31.70 9.93 -9.29
C ALA B 12 -32.37 11.11 -8.60
N GLU B 13 -32.20 12.32 -9.14
CA GLU B 13 -32.61 13.57 -8.49
C GLU B 13 -31.85 13.66 -7.16
N VAL B 14 -32.40 14.36 -6.17
CA VAL B 14 -31.75 14.56 -4.88
C VAL B 14 -32.70 14.06 -3.80
N PRO B 15 -32.23 13.22 -2.87
CA PRO B 15 -33.03 12.93 -1.67
C PRO B 15 -33.18 14.18 -0.81
N PRO B 16 -34.12 14.19 0.12
CA PRO B 16 -34.18 15.29 1.09
C PRO B 16 -32.88 15.35 1.87
N VAL B 17 -32.51 16.57 2.25
CA VAL B 17 -31.36 16.80 3.11
C VAL B 17 -31.47 15.91 4.34
N LEU B 18 -30.34 15.43 4.84
CA LEU B 18 -30.20 14.68 6.08
C LEU B 18 -30.85 13.30 6.05
N ARG B 19 -31.26 12.81 4.88
CA ARG B 19 -31.96 11.54 4.76
C ARG B 19 -31.20 10.62 3.80
N LEU B 20 -31.02 9.38 4.21
CA LEU B 20 -30.45 8.35 3.33
C LEU B 20 -31.41 8.06 2.19
N SER B 21 -30.94 8.18 0.95
CA SER B 21 -31.86 8.03 -0.17
C SER B 21 -32.32 6.59 -0.30
N PRO B 22 -33.55 6.37 -0.76
CA PRO B 22 -34.00 4.99 -1.01
C PRO B 22 -33.10 4.19 -1.92
N LEU B 23 -32.53 4.82 -2.95
CA LEU B 23 -31.68 4.08 -3.89
C LEU B 23 -30.44 3.54 -3.20
N LEU B 24 -29.74 4.39 -2.46
CA LEU B 24 -28.51 3.98 -1.81
C LEU B 24 -28.77 2.91 -0.75
N ARG B 25 -29.86 3.06 0.01
CA ARG B 25 -30.24 2.02 0.97
CA ARG B 25 -30.21 2.01 0.97
C ARG B 25 -30.48 0.69 0.26
N GLU B 26 -31.07 0.74 -0.93
CA GLU B 26 -31.37 -0.48 -1.66
C GLU B 26 -30.11 -1.12 -2.22
N LEU B 27 -29.18 -0.31 -2.73
CA LEU B 27 -27.92 -0.87 -3.21
C LEU B 27 -27.13 -1.47 -2.06
N GLN B 28 -27.12 -0.79 -0.90
CA GLN B 28 -26.38 -1.28 0.26
C GLN B 28 -26.91 -2.63 0.73
N SER B 29 -28.22 -2.82 0.71
CA SER B 29 -28.75 -4.11 1.12
C SER B 29 -28.54 -5.19 0.06
N ARG B 30 -28.36 -4.79 -1.20
CA ARG B 30 -28.21 -5.77 -2.28
C ARG B 30 -26.83 -6.44 -2.24
N ALA B 31 -25.76 -5.65 -2.24
CA ALA B 31 -24.43 -6.24 -2.31
C ALA B 31 -23.41 -5.24 -1.77
N PRO B 32 -22.26 -5.71 -1.29
CA PRO B 32 -21.22 -4.78 -0.81
C PRO B 32 -20.59 -3.95 -1.91
N VAL B 33 -20.60 -4.41 -3.16
CA VAL B 33 -19.99 -3.68 -4.27
C VAL B 33 -20.92 -3.81 -5.46
N CYS B 34 -21.52 -2.70 -5.88
CA CYS B 34 -22.55 -2.70 -6.92
C CYS B 34 -22.09 -1.88 -8.12
N LYS B 35 -22.20 -2.48 -9.30
CA LYS B 35 -22.03 -1.72 -10.54
C LYS B 35 -23.17 -0.72 -10.69
N VAL B 36 -22.83 0.54 -10.95
CA VAL B 36 -23.81 1.60 -11.13
C VAL B 36 -23.40 2.42 -12.35
N ARG B 37 -24.35 3.23 -12.81
CA ARG B 37 -24.09 4.26 -13.80
CA ARG B 37 -24.07 4.26 -13.80
C ARG B 37 -23.87 5.59 -13.08
N THR B 38 -22.76 6.27 -13.39
CA THR B 38 -22.37 7.49 -12.69
C THR B 38 -23.16 8.68 -13.22
N PRO B 39 -23.10 9.82 -12.52
CA PRO B 39 -23.67 11.06 -13.09
C PRO B 39 -23.06 11.43 -14.44
N ALA B 40 -21.80 11.09 -14.67
CA ALA B 40 -21.17 11.34 -15.97
C ALA B 40 -21.69 10.41 -17.06
N GLY B 41 -22.46 9.38 -16.69
CA GLY B 41 -22.96 8.44 -17.67
C GLY B 41 -22.07 7.26 -17.95
N ASP B 42 -21.08 6.99 -17.11
CA ASP B 42 -20.16 5.86 -17.29
C ASP B 42 -20.43 4.79 -16.23
N GLU B 43 -19.68 3.70 -16.30
CA GLU B 43 -19.83 2.61 -15.33
C GLU B 43 -18.77 2.71 -14.24
N GLY B 44 -19.21 2.43 -13.01
CA GLY B 44 -18.31 2.37 -11.87
C GLY B 44 -18.80 1.36 -10.87
N TRP B 45 -17.92 1.01 -9.93
CA TRP B 45 -18.25 0.08 -8.86
C TRP B 45 -18.50 0.88 -7.59
N LEU B 46 -19.74 0.91 -7.12
CA LEU B 46 -20.06 1.64 -5.90
C LEU B 46 -19.82 0.73 -4.71
N VAL B 47 -18.95 1.14 -3.80
CA VAL B 47 -18.72 0.39 -2.58
C VAL B 47 -19.72 0.88 -1.54
N THR B 48 -20.34 -0.05 -0.88
CA THR B 48 -21.58 0.20 -0.22
C THR B 48 -21.55 -0.18 1.25
N ARG B 49 -20.55 -0.95 1.69
CA ARG B 49 -20.52 -1.44 3.05
C ARG B 49 -19.20 -1.09 3.73
N HIS B 50 -19.26 -0.98 5.05
CA HIS B 50 -18.15 -0.49 5.87
C HIS B 50 -16.91 -1.36 5.71
N THR B 51 -17.04 -2.68 5.86
CA THR B 51 -15.86 -3.53 5.85
C THR B 51 -15.18 -3.50 4.49
N GLU B 52 -15.96 -3.54 3.41
CA GLU B 52 -15.36 -3.55 2.07
C GLU B 52 -14.71 -2.22 1.73
N LEU B 53 -15.23 -1.10 2.26
CA LEU B 53 -14.56 0.17 2.00
C LEU B 53 -13.17 0.19 2.65
N LYS B 54 -13.06 -0.29 3.90
CA LYS B 54 -11.76 -0.33 4.54
C LYS B 54 -10.80 -1.26 3.78
N GLN B 55 -11.29 -2.44 3.35
CA GLN B 55 -10.47 -3.36 2.57
CA GLN B 55 -10.46 -3.35 2.59
C GLN B 55 -9.89 -2.67 1.34
N LEU B 56 -10.73 -1.95 0.59
CA LEU B 56 -10.26 -1.32 -0.62
C LEU B 56 -9.43 -0.06 -0.37
N LEU B 57 -9.62 0.60 0.78
CA LEU B 57 -8.73 1.70 1.11
C LEU B 57 -7.33 1.20 1.44
N HIS B 58 -7.19 -0.08 1.78
CA HIS B 58 -5.89 -0.63 2.12
C HIS B 58 -5.35 -1.56 1.04
N ASP B 59 -5.96 -1.57 -0.13
CA ASP B 59 -5.51 -2.44 -1.21
C ASP B 59 -4.70 -1.59 -2.17
N ASP B 60 -3.43 -1.97 -2.38
CA ASP B 60 -2.57 -1.07 -3.15
C ASP B 60 -2.87 -1.10 -4.65
N ARG B 61 -3.84 -1.92 -5.09
CA ARG B 61 -4.24 -1.96 -6.50
C ARG B 61 -5.30 -0.90 -6.85
N LEU B 62 -5.76 -0.10 -5.88
CA LEU B 62 -6.62 1.05 -6.16
C LEU B 62 -5.77 2.32 -6.09
N ALA B 63 -5.90 3.18 -7.10
CA ALA B 63 -5.02 4.34 -7.17
C ALA B 63 -5.69 5.45 -7.96
N ARG B 64 -5.13 6.64 -7.87
CA ARG B 64 -5.53 7.76 -8.72
C ARG B 64 -4.69 7.71 -10.01
N ALA B 65 -4.98 6.69 -10.82
CA ALA B 65 -4.11 6.45 -11.96
C ALA B 65 -4.82 5.55 -12.95
N HIS B 66 -4.54 5.77 -14.23
CA HIS B 66 -5.16 5.03 -15.32
C HIS B 66 -4.24 5.09 -16.53
N ALA B 67 -4.24 4.02 -17.32
CA ALA B 67 -3.33 3.96 -18.47
C ALA B 67 -3.65 5.05 -19.48
N ASP B 68 -4.91 5.47 -19.57
CA ASP B 68 -5.39 6.47 -20.53
CA ASP B 68 -5.35 6.49 -20.52
C ASP B 68 -6.34 7.38 -19.78
N PRO B 69 -5.82 8.28 -18.92
CA PRO B 69 -6.71 9.06 -18.04
C PRO B 69 -7.74 9.88 -18.77
N ALA B 70 -7.41 10.41 -19.95
CA ALA B 70 -8.32 11.36 -20.56
C ALA B 70 -9.63 10.70 -20.99
N ASN B 71 -9.62 9.41 -21.27
CA ASN B 71 -10.82 8.72 -21.72
C ASN B 71 -11.28 7.64 -20.74
N ALA B 72 -10.77 7.65 -19.51
CA ALA B 72 -11.18 6.67 -18.52
C ALA B 72 -12.62 6.93 -18.07
N PRO B 73 -13.32 5.90 -17.58
CA PRO B 73 -14.67 6.15 -17.06
C PRO B 73 -14.65 7.16 -15.92
N ARG B 74 -15.61 8.08 -15.95
CA ARG B 74 -15.67 9.19 -14.99
C ARG B 74 -16.85 9.06 -14.02
N TYR B 75 -16.65 9.61 -12.83
CA TYR B 75 -17.76 9.81 -11.90
C TYR B 75 -18.60 11.01 -12.32
N VAL B 76 -17.97 12.17 -12.48
CA VAL B 76 -18.60 13.38 -12.98
C VAL B 76 -17.63 14.02 -13.97
N HIS B 77 -18.16 14.91 -14.81
CA HIS B 77 -17.34 15.64 -15.77
C HIS B 77 -16.84 16.93 -15.11
N ASN B 78 -15.55 16.97 -14.79
CA ASN B 78 -14.92 18.15 -14.20
C ASN B 78 -13.42 18.04 -14.39
N PRO B 79 -12.79 18.98 -15.10
CA PRO B 79 -11.36 18.81 -15.42
C PRO B 79 -10.44 19.11 -14.26
N PHE B 80 -10.91 19.79 -13.21
CA PHE B 80 -10.06 19.99 -12.05
C PHE B 80 -9.92 18.69 -11.27
N LEU B 81 -11.04 18.00 -11.05
CA LEU B 81 -10.99 16.66 -10.47
C LEU B 81 -10.09 15.73 -11.28
N ASP B 82 -10.09 15.87 -12.61
CA ASP B 82 -9.22 15.06 -13.47
C ASP B 82 -7.73 15.25 -13.20
N LEU B 83 -7.31 16.38 -12.61
CA LEU B 83 -5.90 16.59 -12.32
C LEU B 83 -5.35 15.62 -11.29
N LEU B 84 -6.20 14.88 -10.57
CA LEU B 84 -5.70 13.90 -9.62
C LEU B 84 -5.17 12.65 -10.28
N VAL B 85 -5.53 12.38 -11.53
CA VAL B 85 -5.28 11.07 -12.15
C VAL B 85 -4.04 11.19 -13.04
N VAL B 86 -3.06 10.31 -12.81
CA VAL B 86 -1.85 10.27 -13.62
C VAL B 86 -1.86 8.99 -14.45
N ASP B 87 -0.91 8.89 -15.38
CA ASP B 87 -0.92 7.80 -16.34
C ASP B 87 0.16 6.75 -16.03
N ASP B 88 0.78 6.82 -14.86
CA ASP B 88 1.93 5.98 -14.51
C ASP B 88 1.71 5.49 -13.09
N PHE B 89 1.67 4.18 -12.90
CA PHE B 89 1.27 3.63 -11.60
C PHE B 89 2.36 3.85 -10.55
N ASP B 90 3.62 3.82 -10.96
CA ASP B 90 4.72 4.15 -10.05
C ASP B 90 4.70 5.62 -9.66
N LEU B 91 4.48 6.50 -10.65
CA LEU B 91 4.35 7.93 -10.35
C LEU B 91 3.24 8.19 -9.35
N ALA B 92 2.11 7.51 -9.49
CA ALA B 92 1.00 7.74 -8.58
C ALA B 92 1.43 7.49 -7.13
N ARG B 93 2.21 6.43 -6.91
CA ARG B 93 2.68 6.12 -5.57
C ARG B 93 3.61 7.21 -5.05
N THR B 94 4.60 7.61 -5.86
CA THR B 94 5.56 8.57 -5.34
C THR B 94 4.92 9.95 -5.15
N LEU B 95 3.98 10.35 -6.04
CA LEU B 95 3.28 11.61 -5.87
C LEU B 95 2.43 11.61 -4.59
N HIS B 96 1.74 10.50 -4.32
CA HIS B 96 0.91 10.46 -3.12
C HIS B 96 1.78 10.59 -1.87
N ALA B 97 2.91 9.86 -1.83
CA ALA B 97 3.80 9.95 -0.68
C ALA B 97 4.38 11.36 -0.55
N GLU B 98 4.71 12.00 -1.67
CA GLU B 98 5.19 13.38 -1.61
C GLU B 98 4.12 14.31 -1.06
N MET B 99 2.89 14.19 -1.58
CA MET B 99 1.80 15.05 -1.11
C MET B 99 1.59 14.89 0.39
N ARG B 100 1.58 13.65 0.88
CA ARG B 100 1.36 13.45 2.30
C ARG B 100 2.53 14.01 3.10
N SER B 101 3.75 13.89 2.59
CA SER B 101 4.89 14.46 3.28
CA SER B 101 4.89 14.46 3.27
C SER B 101 4.85 15.98 3.29
N LEU B 102 4.27 16.60 2.26
CA LEU B 102 4.16 18.05 2.25
C LEU B 102 3.08 18.55 3.21
N PHE B 103 1.94 17.85 3.25
CA PHE B 103 0.75 18.38 3.91
C PHE B 103 0.69 18.05 5.40
N THR B 104 1.08 16.84 5.79
CA THR B 104 0.93 16.44 7.18
C THR B 104 1.54 17.43 8.18
N PRO B 105 2.77 17.95 7.99
CA PRO B 105 3.30 18.89 8.99
C PRO B 105 2.44 20.14 9.16
N GLN B 106 1.64 20.53 8.16
CA GLN B 106 0.79 21.71 8.31
C GLN B 106 -0.36 21.49 9.30
N PHE B 107 -0.66 20.23 9.64
CA PHE B 107 -1.78 19.92 10.53
C PHE B 107 -1.32 19.16 11.76
N SER B 108 -0.06 19.33 12.15
CA SER B 108 0.44 18.76 13.39
C SER B 108 -0.32 19.34 14.58
N ALA B 109 -0.14 18.70 15.74
CA ALA B 109 -0.85 19.14 16.94
C ALA B 109 -0.47 20.57 17.31
N ARG B 110 0.82 20.92 17.21
CA ARG B 110 1.23 22.28 17.54
CA ARG B 110 1.25 22.29 17.53
C ARG B 110 0.64 23.30 16.56
N ARG B 111 0.58 22.95 15.27
CA ARG B 111 0.08 23.92 14.28
C ARG B 111 -1.41 24.18 14.49
N VAL B 112 -2.18 23.12 14.77
CA VAL B 112 -3.61 23.28 15.04
C VAL B 112 -3.83 24.06 16.34
N MET B 113 -3.07 23.72 17.38
CA MET B 113 -3.17 24.45 18.64
C MET B 113 -2.89 25.93 18.45
N ASP B 114 -1.81 26.27 17.72
CA ASP B 114 -1.52 27.66 17.42
C ASP B 114 -2.65 28.31 16.63
N LEU B 115 -3.28 27.55 15.73
N LEU B 115 -3.29 27.56 15.74
CA LEU B 115 -4.36 28.11 14.91
CA LEU B 115 -4.34 28.13 14.90
C LEU B 115 -5.62 28.36 15.71
C LEU B 115 -5.68 28.25 15.63
N THR B 116 -5.84 27.60 16.78
CA THR B 116 -7.16 27.56 17.42
C THR B 116 -7.64 28.91 17.94
N PRO B 117 -6.86 29.71 18.67
CA PRO B 117 -7.37 31.03 19.07
C PRO B 117 -7.74 31.88 17.86
N ARG B 118 -6.98 31.75 16.77
CA ARG B 118 -7.28 32.51 15.56
C ARG B 118 -8.60 32.05 14.95
N VAL B 119 -8.85 30.73 14.92
CA VAL B 119 -10.14 30.22 14.45
C VAL B 119 -11.28 30.77 15.32
N GLU B 120 -11.08 30.82 16.64
CA GLU B 120 -12.14 31.30 17.52
C GLU B 120 -12.40 32.79 17.30
N ALA B 121 -11.34 33.58 17.08
CA ALA B 121 -11.50 34.99 16.77
C ALA B 121 -12.20 35.18 15.42
N LEU B 122 -11.83 34.38 14.42
CA LEU B 122 -12.51 34.46 13.13
C LEU B 122 -14.00 34.12 13.25
N ALA B 123 -14.32 33.03 13.97
CA ALA B 123 -15.72 32.66 14.16
C ALA B 123 -16.49 33.79 14.86
N GLU B 124 -15.89 34.41 15.86
CA GLU B 124 -16.58 35.49 16.56
C GLU B 124 -16.87 36.64 15.62
N GLY B 125 -15.90 36.98 14.78
CA GLY B 125 -16.12 38.08 13.84
C GLY B 125 -17.22 37.78 12.84
N VAL B 126 -17.21 36.58 12.25
CA VAL B 126 -18.25 36.20 11.30
C VAL B 126 -19.61 36.11 12.01
N LEU B 127 -19.65 35.53 13.21
CA LEU B 127 -20.91 35.45 13.95
C LEU B 127 -21.48 36.83 14.23
N ALA B 128 -20.63 37.79 14.62
CA ALA B 128 -21.13 39.12 14.92
C ALA B 128 -21.73 39.76 13.68
N HIS B 129 -21.08 39.59 12.54
CA HIS B 129 -21.62 40.11 11.30
C HIS B 129 -22.93 39.39 10.92
N PHE B 130 -22.97 38.07 11.14
CA PHE B 130 -24.16 37.29 10.79
C PHE B 130 -25.40 37.80 11.53
N VAL B 131 -25.28 38.10 12.82
CA VAL B 131 -26.45 38.48 13.61
C VAL B 131 -26.79 39.96 13.57
N ALA B 132 -25.94 40.79 12.93
CA ALA B 132 -26.01 42.24 13.12
C ALA B 132 -27.27 42.88 12.53
N GLN B 133 -27.91 42.27 11.54
CA GLN B 133 -29.12 42.89 11.02
C GLN B 133 -30.38 42.29 11.65
N GLY B 134 -30.21 41.43 12.65
CA GLY B 134 -31.33 40.74 13.28
C GLY B 134 -31.75 39.55 12.46
N PRO B 135 -32.73 38.79 12.96
CA PRO B 135 -33.27 37.64 12.22
C PRO B 135 -34.33 38.11 11.23
N PRO B 136 -34.71 37.30 10.24
CA PRO B 136 -34.13 36.01 9.87
C PRO B 136 -32.84 36.24 9.06
N ALA B 137 -32.02 35.22 8.91
CA ALA B 137 -30.76 35.38 8.18
C ALA B 137 -30.43 34.05 7.51
N ASP B 138 -29.50 34.09 6.56
CA ASP B 138 -29.10 32.92 5.78
C ASP B 138 -27.83 32.34 6.39
N LEU B 139 -27.97 31.21 7.11
CA LEU B 139 -26.83 30.64 7.81
C LEU B 139 -25.73 30.19 6.84
N HIS B 140 -26.11 29.64 5.70
CA HIS B 140 -25.09 29.13 4.76
C HIS B 140 -24.24 30.27 4.20
N ASN B 141 -24.89 31.22 3.53
CA ASN B 141 -24.13 32.22 2.81
C ASN B 141 -23.52 33.27 3.73
N ASP B 142 -24.09 33.48 4.91
CA ASP B 142 -23.63 34.57 5.76
C ASP B 142 -22.99 34.07 7.07
N PHE B 143 -22.89 32.76 7.27
CA PHE B 143 -22.10 32.31 8.41
C PHE B 143 -21.17 31.16 8.02
N SER B 144 -21.73 30.03 7.60
CA SER B 144 -20.93 28.82 7.41
C SER B 144 -19.86 29.03 6.35
N LEU B 145 -20.26 29.60 5.20
CA LEU B 145 -19.31 29.73 4.10
C LEU B 145 -18.25 30.78 4.42
N PRO B 146 -18.59 32.00 4.88
CA PRO B 146 -17.51 32.95 5.19
C PRO B 146 -16.64 32.50 6.34
N PHE B 147 -17.17 31.79 7.34
CA PHE B 147 -16.30 31.28 8.39
C PHE B 147 -15.33 30.21 7.86
N SER B 148 -15.85 29.25 7.09
CA SER B 148 -14.99 28.21 6.54
C SER B 148 -13.90 28.82 5.66
N LEU B 149 -14.28 29.76 4.81
CA LEU B 149 -13.32 30.43 3.94
C LEU B 149 -12.26 31.18 4.76
N SER B 150 -12.69 31.94 5.77
CA SER B 150 -11.72 32.74 6.53
C SER B 150 -10.69 31.85 7.21
N VAL B 151 -11.09 30.67 7.69
CA VAL B 151 -10.10 29.81 8.35
C VAL B 151 -9.09 29.27 7.34
N LEU B 152 -9.56 28.78 6.19
CA LEU B 152 -8.64 28.30 5.16
C LEU B 152 -7.70 29.42 4.68
N CYS B 153 -8.21 30.64 4.60
CA CYS B 153 -7.34 31.75 4.18
C CYS B 153 -6.27 32.03 5.23
N ALA B 154 -6.64 31.96 6.52
CA ALA B 154 -5.64 32.14 7.56
C ALA B 154 -4.62 31.01 7.56
N LEU B 155 -5.08 29.77 7.37
CA LEU B 155 -4.17 28.63 7.29
C LEU B 155 -3.20 28.78 6.12
N ILE B 156 -3.73 29.08 4.94
CA ILE B 156 -2.94 28.98 3.71
C ILE B 156 -2.13 30.23 3.48
N GLY B 157 -2.65 31.38 3.92
CA GLY B 157 -2.00 32.66 3.78
C GLY B 157 -2.59 33.57 2.70
N VAL B 158 -3.91 33.62 2.54
CA VAL B 158 -4.54 34.47 1.55
C VAL B 158 -4.98 35.77 2.24
N PRO B 159 -4.44 36.93 1.86
CA PRO B 159 -4.83 38.18 2.52
C PRO B 159 -6.30 38.52 2.30
N ALA B 160 -6.85 39.33 3.21
CA ALA B 160 -8.25 39.73 3.14
C ALA B 160 -8.63 40.30 1.78
N GLU B 161 -7.78 41.12 1.20
CA GLU B 161 -8.12 41.79 -0.05
C GLU B 161 -8.05 40.88 -1.27
N GLU B 162 -7.70 39.61 -1.09
CA GLU B 162 -7.77 38.64 -2.19
C GLU B 162 -8.95 37.68 -2.05
N GLN B 163 -9.62 37.66 -0.89
CA GLN B 163 -10.59 36.62 -0.62
C GLN B 163 -11.85 36.75 -1.47
N GLY B 164 -12.15 37.96 -1.96
CA GLY B 164 -13.30 38.12 -2.85
C GLY B 164 -13.12 37.38 -4.16
N LYS B 165 -12.00 37.62 -4.84
CA LYS B 165 -11.77 36.91 -6.10
C LYS B 165 -11.58 35.41 -5.87
N LEU B 166 -11.17 35.02 -4.66
CA LEU B 166 -10.86 33.62 -4.37
C LEU B 166 -12.12 32.76 -4.39
N ILE B 167 -13.18 33.22 -3.73
CA ILE B 167 -14.38 32.41 -3.54
C ILE B 167 -15.24 32.32 -4.82
N ALA B 168 -15.19 33.34 -5.67
CA ALA B 168 -15.90 33.23 -6.94
C ALA B 168 -15.22 32.24 -7.88
N ALA B 169 -13.90 32.18 -7.82
CA ALA B 169 -13.16 31.19 -8.61
C ALA B 169 -13.43 29.78 -8.11
N LEU B 170 -13.48 29.60 -6.78
CA LEU B 170 -13.72 28.28 -6.20
C LEU B 170 -15.11 27.76 -6.53
N THR B 171 -16.09 28.65 -6.68
CA THR B 171 -17.42 28.23 -7.12
C THR B 171 -17.38 27.71 -8.56
N LYS B 172 -16.73 28.46 -9.45
CA LYS B 172 -16.56 27.98 -10.82
C LYS B 172 -15.83 26.64 -10.83
N LEU B 173 -14.85 26.48 -9.95
CA LEU B 173 -13.98 25.30 -9.98
C LEU B 173 -14.78 24.01 -9.79
N GLY B 174 -15.88 24.08 -9.05
CA GLY B 174 -16.67 22.89 -8.81
C GLY B 174 -17.76 22.59 -9.81
N GLU B 175 -17.98 23.42 -10.84
CA GLU B 175 -19.11 23.20 -11.75
C GLU B 175 -18.95 21.87 -12.50
N LEU B 176 -20.07 21.19 -12.72
CA LEU B 176 -20.13 19.94 -13.46
C LEU B 176 -20.63 20.19 -14.88
N ASP B 177 -20.12 19.40 -15.82
CA ASP B 177 -20.55 19.47 -17.23
C ASP B 177 -20.37 20.88 -17.81
N ASP B 178 -19.37 21.62 -17.34
CA ASP B 178 -19.07 22.95 -17.87
C ASP B 178 -17.57 23.19 -17.77
N PRO B 179 -16.78 22.45 -18.55
CA PRO B 179 -15.32 22.56 -18.42
C PRO B 179 -14.78 23.96 -18.63
N ALA B 180 -15.38 24.76 -19.52
CA ALA B 180 -14.83 26.10 -19.75
C ALA B 180 -14.90 26.96 -18.49
N ARG B 181 -15.99 26.89 -17.73
CA ARG B 181 -16.05 27.70 -16.51
C ARG B 181 -15.12 27.15 -15.44
N VAL B 182 -15.00 25.83 -15.32
CA VAL B 182 -14.03 25.25 -14.41
C VAL B 182 -12.62 25.74 -14.76
N GLN B 183 -12.29 25.75 -16.06
CA GLN B 183 -10.95 26.16 -16.47
CA GLN B 183 -10.97 26.18 -16.53
C GLN B 183 -10.70 27.63 -16.15
N GLU B 184 -11.72 28.50 -16.28
CA GLU B 184 -11.60 29.88 -15.88
C GLU B 184 -11.26 29.99 -14.40
N GLY B 185 -12.01 29.29 -13.56
CA GLY B 185 -11.75 29.33 -12.13
C GLY B 185 -10.36 28.79 -11.80
N GLN B 186 -9.98 27.68 -12.44
CA GLN B 186 -8.69 27.08 -12.16
C GLN B 186 -7.55 28.03 -12.53
N ASP B 187 -7.63 28.63 -13.71
CA ASP B 187 -6.55 29.49 -14.15
C ASP B 187 -6.45 30.73 -13.27
N GLU B 188 -7.59 31.26 -12.81
CA GLU B 188 -7.55 32.39 -11.89
C GLU B 188 -6.94 32.00 -10.55
N LEU B 189 -7.36 30.87 -9.99
CA LEU B 189 -6.80 30.44 -8.70
C LEU B 189 -5.31 30.14 -8.78
N PHE B 190 -4.88 29.43 -9.83
CA PHE B 190 -3.47 29.07 -9.92
C PHE B 190 -2.60 30.31 -9.97
N GLY B 191 -3.00 31.31 -10.77
CA GLY B 191 -2.21 32.53 -10.88
C GLY B 191 -2.21 33.33 -9.59
N LEU B 192 -3.37 33.42 -8.93
CA LEU B 192 -3.45 34.13 -7.66
CA LEU B 192 -3.45 34.13 -7.66
C LEU B 192 -2.55 33.47 -6.61
N LEU B 193 -2.71 32.16 -6.41
CA LEU B 193 -1.93 31.48 -5.39
C LEU B 193 -0.45 31.44 -5.74
N SER B 194 -0.11 31.36 -7.03
CA SER B 194 1.32 31.36 -7.39
C SER B 194 1.96 32.72 -7.17
N GLY B 195 1.21 33.80 -7.36
CA GLY B 195 1.73 35.11 -7.02
C GLY B 195 1.91 35.33 -5.52
N LEU B 196 1.06 34.73 -4.70
CA LEU B 196 1.29 34.77 -3.26
C LEU B 196 2.55 34.00 -2.90
N ALA B 197 2.75 32.85 -3.54
CA ALA B 197 3.96 32.07 -3.32
C ALA B 197 5.21 32.89 -3.69
N ARG B 198 5.17 33.61 -4.81
CA ARG B 198 6.27 34.50 -5.15
C ARG B 198 6.57 35.48 -4.03
N ARG B 199 5.53 36.10 -3.46
CA ARG B 199 5.75 37.07 -2.40
CA ARG B 199 5.75 37.07 -2.40
C ARG B 199 6.25 36.41 -1.12
N LYS B 200 5.65 35.29 -0.74
CA LYS B 200 6.01 34.62 0.50
C LYS B 200 7.33 33.87 0.43
N ARG B 201 7.81 33.58 -0.77
CA ARG B 201 9.18 33.08 -0.92
C ARG B 201 10.18 34.11 -0.40
N ILE B 202 9.90 35.40 -0.63
CA ILE B 202 10.85 36.46 -0.29
C ILE B 202 10.74 36.86 1.18
N THR B 203 9.51 37.06 1.67
CA THR B 203 9.24 37.42 3.06
C THR B 203 8.30 36.37 3.64
N PRO B 204 8.84 35.29 4.22
CA PRO B 204 7.96 34.21 4.68
C PRO B 204 7.12 34.65 5.88
N GLU B 205 5.93 34.06 5.99
CA GLU B 205 5.05 34.30 7.12
C GLU B 205 4.60 32.95 7.67
N ASP B 206 3.80 32.97 8.75
CA ASP B 206 3.35 31.73 9.38
C ASP B 206 2.08 31.25 8.67
N ASP B 207 2.28 30.61 7.53
CA ASP B 207 1.18 30.05 6.76
C ASP B 207 1.71 28.93 5.87
N VAL B 208 0.79 28.17 5.28
CA VAL B 208 1.20 26.98 4.53
C VAL B 208 2.00 27.38 3.28
N ILE B 209 1.56 28.42 2.56
CA ILE B 209 2.26 28.75 1.32
C ILE B 209 3.72 29.10 1.61
N SER B 210 3.97 29.87 2.67
CA SER B 210 5.36 30.20 3.01
C SER B 210 6.18 28.94 3.27
N ARG B 211 5.57 27.98 3.96
CA ARG B 211 6.31 26.75 4.23
C ARG B 211 6.46 25.89 2.99
N LEU B 212 5.46 25.89 2.10
CA LEU B 212 5.60 25.13 0.86
C LEU B 212 6.74 25.64 0.00
N CYS B 213 7.01 26.96 0.05
CA CYS B 213 8.12 27.53 -0.73
C CYS B 213 9.46 26.90 -0.35
N LEU B 214 9.64 26.49 0.91
CA LEU B 214 10.89 25.88 1.31
C LEU B 214 11.06 24.45 0.80
N LYS B 215 9.99 23.80 0.34
CA LYS B 215 10.04 22.42 -0.12
C LYS B 215 9.75 22.28 -1.60
N VAL B 216 9.22 23.31 -2.24
CA VAL B 216 8.73 23.28 -3.62
C VAL B 216 9.36 24.47 -4.32
N PRO B 217 10.41 24.27 -5.13
CA PRO B 217 11.10 25.42 -5.74
C PRO B 217 10.23 26.25 -6.68
N SER B 218 9.24 25.67 -7.34
CA SER B 218 8.49 26.42 -8.35
C SER B 218 7.21 27.02 -7.74
N ASP B 219 7.09 28.34 -7.82
CA ASP B 219 5.84 28.99 -7.43
C ASP B 219 4.66 28.42 -8.21
N GLU B 220 4.88 28.04 -9.47
CA GLU B 220 3.81 27.60 -10.35
C GLU B 220 3.27 26.23 -9.94
N ARG B 221 4.08 25.40 -9.26
CA ARG B 221 3.54 24.17 -8.68
C ARG B 221 2.79 24.44 -7.38
N ILE B 222 3.12 25.51 -6.66
CA ILE B 222 2.39 25.78 -5.42
C ILE B 222 0.95 26.19 -5.71
N GLY B 223 0.69 26.77 -6.87
CA GLY B 223 -0.66 27.10 -7.30
C GLY B 223 -1.67 25.96 -7.20
N PRO B 224 -1.47 24.89 -7.98
CA PRO B 224 -2.36 23.72 -7.89
C PRO B 224 -2.42 23.10 -6.51
N ILE B 225 -1.29 23.05 -5.80
CA ILE B 225 -1.25 22.43 -4.48
C ILE B 225 -2.12 23.22 -3.50
N ALA B 226 -1.95 24.53 -3.45
CA ALA B 226 -2.76 25.32 -2.53
C ALA B 226 -4.21 25.33 -2.96
N SER B 227 -4.48 25.29 -4.27
CA SER B 227 -5.86 25.20 -4.77
C SER B 227 -6.53 23.93 -4.28
N GLY B 228 -5.83 22.80 -4.40
CA GLY B 228 -6.35 21.55 -3.88
C GLY B 228 -6.75 21.66 -2.41
N LEU B 229 -5.90 22.29 -1.60
CA LEU B 229 -6.19 22.40 -0.18
C LEU B 229 -7.44 23.24 0.07
N LEU B 230 -7.54 24.39 -0.60
CA LEU B 230 -8.72 25.23 -0.45
C LEU B 230 -9.98 24.47 -0.82
N PHE B 231 -9.97 23.81 -1.99
CA PHE B 231 -11.18 23.11 -2.43
C PHE B 231 -11.51 21.92 -1.52
N ALA B 232 -10.50 21.32 -0.90
CA ALA B 232 -10.74 20.19 0.00
C ALA B 232 -11.47 20.61 1.28
N GLY B 233 -11.25 21.84 1.73
CA GLY B 233 -11.76 22.21 3.03
C GLY B 233 -12.95 23.15 3.03
N LEU B 234 -13.25 23.83 1.92
CA LEU B 234 -14.22 24.94 1.98
C LEU B 234 -15.67 24.44 2.12
N ASP B 235 -16.17 23.76 1.09
CA ASP B 235 -17.56 23.33 1.10
C ASP B 235 -17.78 22.17 2.09
N SER B 236 -16.76 21.33 2.29
CA SER B 236 -16.87 20.24 3.26
C SER B 236 -17.18 20.76 4.66
N VAL B 237 -16.39 21.72 5.13
CA VAL B 237 -16.60 22.28 6.46
C VAL B 237 -17.89 23.08 6.50
N ALA B 238 -18.12 23.92 5.49
CA ALA B 238 -19.29 24.78 5.54
C ALA B 238 -20.57 23.94 5.56
N SER B 239 -20.62 22.87 4.75
CA SER B 239 -21.84 22.07 4.71
C SER B 239 -22.07 21.32 6.02
N HIS B 240 -21.01 20.91 6.71
CA HIS B 240 -21.27 20.26 8.00
C HIS B 240 -21.64 21.26 9.08
N ILE B 241 -21.15 22.49 9.02
CA ILE B 241 -21.71 23.52 9.91
C ILE B 241 -23.21 23.66 9.67
N ASP B 242 -23.62 23.78 8.40
CA ASP B 242 -25.04 23.88 8.05
C ASP B 242 -25.83 22.70 8.59
N LEU B 243 -25.44 21.49 8.20
CA LEU B 243 -26.24 20.31 8.52
C LEU B 243 -26.18 19.97 10.00
N GLY B 244 -25.01 20.16 10.62
CA GLY B 244 -24.91 19.97 12.07
C GLY B 244 -25.79 20.93 12.85
N THR B 245 -25.91 22.18 12.35
CA THR B 245 -26.80 23.14 12.98
C THR B 245 -28.25 22.68 12.90
N VAL B 246 -28.67 22.17 11.74
CA VAL B 246 -30.03 21.64 11.63
C VAL B 246 -30.22 20.48 12.59
N LEU B 247 -29.25 19.56 12.66
CA LEU B 247 -29.37 18.42 13.57
C LEU B 247 -29.50 18.87 15.02
N PHE B 248 -28.75 19.90 15.43
CA PHE B 248 -28.87 20.38 16.79
C PHE B 248 -30.22 21.05 17.02
N ILE B 249 -30.71 21.81 16.03
CA ILE B 249 -32.04 22.41 16.11
C ILE B 249 -33.08 21.32 16.28
N GLN B 250 -32.91 20.20 15.57
CA GLN B 250 -33.86 19.10 15.64
C GLN B 250 -33.76 18.30 16.93
N HIS B 251 -32.67 18.40 17.67
CA HIS B 251 -32.46 17.57 18.87
C HIS B 251 -31.99 18.46 20.01
N PRO B 252 -32.89 19.31 20.54
CA PRO B 252 -32.44 20.34 21.50
C PRO B 252 -31.93 19.77 22.80
N ASP B 253 -32.43 18.62 23.24
CA ASP B 253 -31.88 17.98 24.44
C ASP B 253 -30.40 17.64 24.27
N GLN B 254 -30.04 17.15 23.09
CA GLN B 254 -28.64 16.79 22.84
C GLN B 254 -27.77 18.02 22.64
N LEU B 255 -28.31 19.07 22.01
CA LEU B 255 -27.59 20.33 21.96
C LEU B 255 -27.24 20.82 23.37
N ALA B 256 -28.22 20.86 24.27
CA ALA B 256 -27.96 21.32 25.63
C ALA B 256 -26.88 20.49 26.32
N ALA B 257 -26.95 19.16 26.18
CA ALA B 257 -25.94 18.30 26.78
C ALA B 257 -24.55 18.60 26.21
N ALA B 258 -24.46 18.82 24.89
CA ALA B 258 -23.18 19.09 24.24
C ALA B 258 -22.62 20.45 24.65
N LEU B 259 -23.50 21.45 24.80
CA LEU B 259 -23.05 22.76 25.24
C LEU B 259 -22.56 22.74 26.69
N ALA B 260 -23.04 21.80 27.50
CA ALA B 260 -22.66 21.76 28.90
C ALA B 260 -21.38 20.96 29.17
N ASP B 261 -20.91 20.19 28.19
CA ASP B 261 -19.81 19.24 28.42
C ASP B 261 -18.96 19.18 27.16
N GLU B 262 -17.68 19.54 27.30
CA GLU B 262 -16.80 19.65 26.15
C GLU B 262 -16.59 18.29 25.47
N LYS B 263 -16.51 17.20 26.25
CA LYS B 263 -16.40 15.87 25.67
C LYS B 263 -17.67 15.47 24.92
N LEU B 264 -18.84 15.87 25.43
CA LEU B 264 -20.08 15.57 24.71
C LEU B 264 -20.17 16.37 23.40
N MET B 265 -19.64 17.59 23.38
CA MET B 265 -19.60 18.32 22.11
C MET B 265 -18.69 17.62 21.10
N ARG B 266 -17.57 17.06 21.55
CA ARG B 266 -16.70 16.32 20.64
C ARG B 266 -17.43 15.11 20.09
N GLY B 267 -18.10 14.36 20.96
CA GLY B 267 -18.92 13.25 20.49
C GLY B 267 -20.00 13.70 19.54
N ALA B 268 -20.57 14.88 19.79
CA ALA B 268 -21.61 15.39 18.91
C ALA B 268 -21.06 15.71 17.53
N VAL B 269 -19.89 16.34 17.46
CA VAL B 269 -19.26 16.59 16.17
C VAL B 269 -19.04 15.26 15.42
N GLU B 270 -18.58 14.23 16.13
CA GLU B 270 -18.38 12.94 15.49
C GLU B 270 -19.68 12.37 14.93
N GLU B 271 -20.80 12.56 15.65
CA GLU B 271 -22.06 12.01 15.17
C GLU B 271 -22.61 12.84 14.02
N ILE B 272 -22.36 14.13 14.03
CA ILE B 272 -22.68 14.95 12.87
C ILE B 272 -21.88 14.48 11.65
N LEU B 273 -20.56 14.30 11.83
CA LEU B 273 -19.74 13.83 10.71
C LEU B 273 -20.22 12.48 10.21
N ARG B 274 -20.70 11.62 11.11
CA ARG B 274 -21.17 10.31 10.69
C ARG B 274 -22.40 10.41 9.80
N SER B 275 -23.39 11.23 10.19
CA SER B 275 -24.73 11.09 9.67
C SER B 275 -25.23 12.25 8.82
N ALA B 276 -24.53 13.38 8.77
CA ALA B 276 -25.10 14.60 8.19
C ALA B 276 -25.33 14.47 6.68
N LYS B 277 -24.35 13.94 5.93
CA LYS B 277 -24.49 13.85 4.48
C LYS B 277 -25.39 12.70 4.06
N ALA B 278 -25.29 11.56 4.75
CA ALA B 278 -26.18 10.40 4.55
C ALA B 278 -26.08 9.81 3.14
N GLY B 279 -24.85 9.64 2.67
CA GLY B 279 -24.61 9.01 1.38
C GLY B 279 -24.18 10.03 0.33
N GLY B 280 -23.55 9.52 -0.72
CA GLY B 280 -23.11 10.37 -1.82
C GLY B 280 -21.82 11.14 -1.59
N SER B 281 -21.06 10.82 -0.56
CA SER B 281 -19.77 11.49 -0.33
C SER B 281 -18.68 10.73 -1.09
N VAL B 282 -18.77 10.81 -2.42
CA VAL B 282 -18.02 9.90 -3.30
C VAL B 282 -16.75 10.58 -3.78
N LEU B 283 -15.62 9.86 -3.69
CA LEU B 283 -14.38 10.14 -4.40
C LEU B 283 -14.00 8.92 -5.24
N PRO B 284 -13.41 9.14 -6.42
CA PRO B 284 -13.10 8.03 -7.32
C PRO B 284 -11.70 7.47 -7.10
N ARG B 285 -11.56 6.19 -7.47
CA ARG B 285 -10.29 5.52 -7.72
C ARG B 285 -10.43 4.72 -9.00
N TYR B 286 -9.30 4.26 -9.52
CA TYR B 286 -9.27 3.21 -10.52
C TYR B 286 -8.52 2.00 -9.97
N ALA B 287 -8.91 0.81 -10.43
CA ALA B 287 -8.09 -0.36 -10.19
C ALA B 287 -6.94 -0.36 -11.18
N THR B 288 -5.71 -0.50 -10.67
CA THR B 288 -4.56 -0.68 -11.55
C THR B 288 -4.33 -2.15 -11.91
N ALA B 289 -5.01 -3.07 -11.25
CA ALA B 289 -4.97 -4.48 -11.60
C ALA B 289 -6.27 -5.09 -11.10
N ASP B 290 -6.55 -6.33 -11.49
CA ASP B 290 -7.79 -6.97 -11.05
C ASP B 290 -7.83 -7.08 -9.53
N VAL B 291 -9.01 -6.85 -8.97
CA VAL B 291 -9.16 -6.92 -7.53
C VAL B 291 -10.39 -7.76 -7.21
N PRO B 292 -10.22 -9.00 -6.76
CA PRO B 292 -11.36 -9.78 -6.30
C PRO B 292 -11.84 -9.28 -4.95
N ILE B 293 -13.16 -9.17 -4.82
CA ILE B 293 -13.73 -8.79 -3.54
C ILE B 293 -15.16 -9.34 -3.50
N GLY B 294 -15.33 -10.43 -2.76
CA GLY B 294 -16.62 -11.10 -2.74
C GLY B 294 -16.93 -11.73 -4.08
N ASP B 295 -18.18 -11.59 -4.51
CA ASP B 295 -18.67 -12.20 -5.73
C ASP B 295 -18.28 -11.42 -6.99
N VAL B 296 -17.60 -10.28 -6.86
CA VAL B 296 -17.28 -9.49 -8.02
C VAL B 296 -15.76 -9.44 -8.19
N THR B 297 -15.33 -9.18 -9.41
CA THR B 297 -13.95 -8.81 -9.67
C THR B 297 -13.94 -7.44 -10.30
N ILE B 298 -13.36 -6.48 -9.59
CA ILE B 298 -13.03 -5.19 -10.20
C ILE B 298 -11.89 -5.43 -11.17
N ARG B 299 -12.09 -5.08 -12.43
CA ARG B 299 -11.07 -5.33 -13.44
C ARG B 299 -10.15 -4.11 -13.57
N ALA B 300 -8.91 -4.37 -13.97
CA ALA B 300 -7.94 -3.30 -14.22
C ALA B 300 -8.56 -2.23 -15.12
N GLY B 301 -8.41 -0.97 -14.73
CA GLY B 301 -8.97 0.13 -15.47
C GLY B 301 -10.37 0.54 -15.03
N ASP B 302 -11.07 -0.30 -14.27
CA ASP B 302 -12.40 0.05 -13.81
C ASP B 302 -12.39 1.22 -12.84
N LEU B 303 -13.42 2.05 -12.94
CA LEU B 303 -13.69 3.11 -11.98
C LEU B 303 -14.31 2.52 -10.72
N VAL B 304 -13.84 2.98 -9.56
CA VAL B 304 -14.38 2.57 -8.27
C VAL B 304 -14.82 3.82 -7.53
N LEU B 305 -16.07 3.80 -7.03
CA LEU B 305 -16.63 4.93 -6.30
C LEU B 305 -16.60 4.60 -4.81
N LEU B 306 -15.80 5.36 -4.06
CA LEU B 306 -15.72 5.24 -2.61
C LEU B 306 -16.66 6.26 -1.98
N ASP B 307 -17.72 5.76 -1.34
CA ASP B 307 -18.72 6.62 -0.68
C ASP B 307 -18.46 6.59 0.82
N PHE B 308 -17.90 7.69 1.33
CA PHE B 308 -17.41 7.69 2.71
C PHE B 308 -18.51 7.92 3.74
N THR B 309 -19.74 8.24 3.33
CA THR B 309 -20.82 8.37 4.31
C THR B 309 -21.93 7.33 4.15
N LEU B 310 -22.10 6.75 2.96
CA LEU B 310 -23.08 5.67 2.84
C LEU B 310 -22.73 4.50 3.77
N VAL B 311 -21.44 4.19 3.92
CA VAL B 311 -21.04 3.08 4.79
C VAL B 311 -21.36 3.37 6.25
N ASN B 312 -21.62 4.63 6.61
CA ASN B 312 -21.98 4.99 7.98
C ASN B 312 -23.41 4.63 8.34
N PHE B 313 -24.17 4.06 7.40
CA PHE B 313 -25.52 3.58 7.65
C PHE B 313 -25.60 2.07 7.49
N ASP B 314 -24.43 1.42 7.39
CA ASP B 314 -24.29 -0.02 7.40
C ASP B 314 -24.78 -0.60 8.73
N ARG B 315 -25.93 -1.30 8.70
CA ARG B 315 -26.52 -1.79 9.94
C ARG B 315 -25.77 -2.97 10.53
N THR B 316 -24.81 -3.56 9.80
CA THR B 316 -23.92 -4.55 10.42
C THR B 316 -22.87 -3.90 11.31
N VAL B 317 -22.76 -2.57 11.31
CA VAL B 317 -21.74 -1.87 12.07
C VAL B 317 -22.35 -0.87 13.06
N PHE B 318 -23.35 -0.10 12.64
CA PHE B 318 -23.98 0.92 13.46
C PHE B 318 -25.39 0.50 13.85
N ASP B 319 -25.75 0.69 15.12
CA ASP B 319 -27.08 0.36 15.60
C ASP B 319 -28.02 1.53 15.32
N GLU B 320 -29.10 1.27 14.57
CA GLU B 320 -30.09 2.26 14.18
C GLU B 320 -29.43 3.52 13.64
N PRO B 321 -28.74 3.42 12.51
CA PRO B 321 -27.90 4.54 12.05
C PRO B 321 -28.68 5.79 11.64
N GLU B 322 -29.98 5.68 11.40
CA GLU B 322 -30.73 6.86 10.99
C GLU B 322 -31.14 7.73 12.17
N LEU B 323 -30.82 7.32 13.40
CA LEU B 323 -31.05 8.14 14.58
C LEU B 323 -29.81 8.96 14.90
N PHE B 324 -30.02 10.16 15.40
CA PHE B 324 -28.93 11.05 15.81
C PHE B 324 -28.69 10.83 17.30
N ASP B 325 -27.50 10.29 17.63
CA ASP B 325 -27.14 9.99 19.03
C ASP B 325 -25.71 10.48 19.28
N ILE B 326 -25.58 11.64 19.92
CA ILE B 326 -24.26 12.23 20.14
C ILE B 326 -23.43 11.41 21.13
N ARG B 327 -24.05 10.54 21.92
CA ARG B 327 -23.31 9.68 22.83
C ARG B 327 -22.91 8.34 22.20
N ARG B 328 -23.17 8.15 20.91
CA ARG B 328 -22.83 6.89 20.24
C ARG B 328 -21.35 6.55 20.44
N ALA B 329 -21.10 5.36 21.00
CA ALA B 329 -19.72 4.91 21.31
C ALA B 329 -19.62 3.39 21.15
N PRO B 330 -18.62 2.88 20.43
CA PRO B 330 -17.69 3.71 19.64
C PRO B 330 -18.40 4.27 18.42
N ASN B 331 -17.73 5.13 17.68
CA ASN B 331 -18.34 5.76 16.50
C ASN B 331 -17.33 5.67 15.37
N PRO B 332 -17.18 4.49 14.77
CA PRO B 332 -16.17 4.24 13.73
C PRO B 332 -16.63 4.66 12.33
N HIS B 333 -17.15 5.88 12.22
CA HIS B 333 -17.52 6.36 10.90
C HIS B 333 -16.27 6.53 10.03
N LEU B 334 -16.49 6.54 8.72
CA LEU B 334 -15.40 6.65 7.75
C LEU B 334 -15.52 7.93 6.94
N THR B 335 -16.12 8.95 7.55
CA THR B 335 -16.31 10.23 6.88
C THR B 335 -14.98 10.88 6.48
N PHE B 336 -13.90 10.60 7.22
CA PHE B 336 -12.58 11.11 6.87
C PHE B 336 -11.72 10.08 6.15
N GLY B 337 -12.29 8.94 5.78
CA GLY B 337 -11.48 7.95 5.10
C GLY B 337 -10.67 7.16 6.11
N HIS B 338 -9.59 6.55 5.63
CA HIS B 338 -8.84 5.64 6.48
C HIS B 338 -7.47 5.41 5.87
N GLY B 339 -6.53 4.99 6.71
CA GLY B 339 -5.23 4.53 6.25
C GLY B 339 -4.41 5.61 5.58
N MET B 340 -3.75 5.21 4.49
CA MET B 340 -2.90 6.08 3.70
CA MET B 340 -2.89 6.11 3.76
C MET B 340 -3.65 7.21 3.02
N TRP B 341 -4.97 7.11 2.93
CA TRP B 341 -5.79 8.12 2.26
C TRP B 341 -6.53 9.03 3.23
N HIS B 342 -6.33 8.84 4.53
CA HIS B 342 -7.12 9.53 5.55
C HIS B 342 -7.01 11.04 5.41
N CYS B 343 -8.13 11.73 5.62
CA CYS B 343 -8.19 13.18 5.45
C CYS B 343 -7.11 13.88 6.27
N ILE B 344 -6.27 14.66 5.61
CA ILE B 344 -5.19 15.35 6.32
C ILE B 344 -5.69 16.58 7.07
N GLY B 345 -6.79 17.18 6.63
CA GLY B 345 -7.35 18.32 7.31
C GLY B 345 -8.27 18.02 8.48
N ALA B 346 -8.44 16.74 8.81
CA ALA B 346 -9.42 16.35 9.82
C ALA B 346 -9.23 17.04 11.18
N PRO B 347 -8.01 17.19 11.71
CA PRO B 347 -7.90 17.90 12.99
C PRO B 347 -8.36 19.35 12.91
N LEU B 348 -8.16 20.01 11.77
CA LEU B 348 -8.65 21.37 11.62
C LEU B 348 -10.15 21.41 11.37
N ALA B 349 -10.67 20.51 10.54
CA ALA B 349 -12.12 20.43 10.38
C ALA B 349 -12.82 20.25 11.73
N ARG B 350 -12.27 19.42 12.62
CA ARG B 350 -12.97 19.15 13.88
C ARG B 350 -12.97 20.38 14.78
N VAL B 351 -11.88 21.16 14.74
CA VAL B 351 -11.83 22.40 15.53
C VAL B 351 -12.83 23.42 14.98
N ASN B 352 -12.83 23.62 13.67
CA ASN B 352 -13.78 24.55 13.08
C ASN B 352 -15.21 24.22 13.47
N LEU B 353 -15.57 22.93 13.44
CA LEU B 353 -16.95 22.52 13.69
C LEU B 353 -17.35 22.79 15.15
N ARG B 354 -16.56 22.30 16.10
CA ARG B 354 -16.97 22.52 17.49
C ARG B 354 -16.92 24.01 17.84
N THR B 355 -15.96 24.75 17.27
CA THR B 355 -15.94 26.20 17.47
C THR B 355 -17.22 26.84 16.96
N ALA B 356 -17.66 26.46 15.76
CA ALA B 356 -18.86 27.07 15.19
C ALA B 356 -20.11 26.75 16.01
N TYR B 357 -20.35 25.47 16.36
CA TYR B 357 -21.59 25.16 17.06
C TYR B 357 -21.63 25.83 18.43
N THR B 358 -20.49 25.88 19.11
CA THR B 358 -20.47 26.43 20.46
C THR B 358 -20.78 27.92 20.45
N LEU B 359 -20.14 28.69 19.57
CA LEU B 359 -20.39 30.12 19.56
C LEU B 359 -21.79 30.42 19.05
N LEU B 360 -22.22 29.71 18.00
CA LEU B 360 -23.52 29.96 17.37
C LEU B 360 -24.66 29.76 18.36
N PHE B 361 -24.74 28.59 18.98
CA PHE B 361 -25.88 28.29 19.84
C PHE B 361 -25.78 28.99 21.20
N THR B 362 -24.58 29.34 21.66
CA THR B 362 -24.46 30.20 22.83
C THR B 362 -25.05 31.57 22.56
N ARG B 363 -24.75 32.15 21.40
CA ARG B 363 -25.25 33.48 21.07
C ARG B 363 -26.74 33.49 20.72
N LEU B 364 -27.22 32.42 20.08
CA LEU B 364 -28.57 32.35 19.51
C LEU B 364 -29.30 31.12 20.05
N PRO B 365 -29.63 31.10 21.35
CA PRO B 365 -30.23 29.88 21.91
C PRO B 365 -31.57 29.50 21.30
N GLY B 366 -32.35 30.47 20.81
CA GLY B 366 -33.59 30.13 20.12
C GLY B 366 -33.48 29.74 18.66
N LEU B 367 -32.28 29.51 18.12
CA LEU B 367 -32.09 29.30 16.69
C LEU B 367 -33.02 28.21 16.16
N ARG B 368 -33.66 28.49 15.02
CA ARG B 368 -34.66 27.60 14.45
C ARG B 368 -34.83 27.91 12.98
N LEU B 369 -35.41 26.95 12.24
CA LEU B 369 -35.64 27.11 10.81
C LEU B 369 -36.82 28.06 10.55
N VAL B 370 -36.75 28.78 9.43
CA VAL B 370 -37.90 29.59 8.98
C VAL B 370 -38.96 28.72 8.32
N ARG B 371 -38.56 27.74 7.52
CA ARG B 371 -39.44 26.84 6.79
C ARG B 371 -39.10 25.38 7.12
N PRO B 372 -40.01 24.43 6.85
CA PRO B 372 -39.72 23.02 7.13
C PRO B 372 -38.40 22.56 6.50
N VAL B 373 -37.73 21.61 7.18
CA VAL B 373 -36.45 21.11 6.70
C VAL B 373 -36.56 20.50 5.31
N GLU B 374 -37.74 19.95 4.97
CA GLU B 374 -37.92 19.30 3.68
C GLU B 374 -37.83 20.29 2.52
N GLU B 375 -37.92 21.59 2.80
CA GLU B 375 -37.82 22.58 1.73
C GLU B 375 -36.38 22.99 1.42
N LEU B 376 -35.41 22.59 2.24
CA LEU B 376 -34.01 22.89 1.93
C LEU B 376 -33.57 22.17 0.66
N ARG B 377 -32.68 22.80 -0.09
CA ARG B 377 -32.25 22.29 -1.38
C ARG B 377 -30.74 22.44 -1.50
N VAL B 378 -30.12 21.44 -2.07
CA VAL B 378 -28.70 21.43 -2.36
C VAL B 378 -28.51 21.97 -3.77
N LEU B 379 -27.44 22.75 -3.98
CA LEU B 379 -27.09 23.22 -5.32
C LEU B 379 -26.86 22.03 -6.25
N SER B 380 -27.49 22.05 -7.43
CA SER B 380 -27.26 20.99 -8.39
C SER B 380 -26.07 21.31 -9.29
N GLY B 381 -25.51 20.28 -9.91
CA GLY B 381 -24.45 20.46 -10.89
C GLY B 381 -23.13 20.96 -10.31
N GLN B 382 -22.79 20.57 -9.08
CA GLN B 382 -21.61 21.05 -8.37
C GLN B 382 -20.92 19.90 -7.65
N LEU B 383 -19.60 19.81 -7.81
CA LEU B 383 -18.77 19.04 -6.90
C LEU B 383 -18.84 19.62 -5.50
N SER B 384 -18.98 18.75 -4.50
CA SER B 384 -18.99 19.20 -3.10
C SER B 384 -20.12 20.20 -2.88
N ALA B 385 -21.33 19.82 -3.32
CA ALA B 385 -22.45 20.74 -3.39
C ALA B 385 -23.04 20.99 -2.00
N GLY B 386 -23.23 22.27 -1.66
CA GLY B 386 -23.88 22.66 -0.44
C GLY B 386 -25.29 23.21 -0.68
N LEU B 387 -25.89 23.64 0.44
CA LEU B 387 -27.24 24.19 0.39
C LEU B 387 -27.27 25.47 -0.43
N THR B 388 -28.40 25.71 -1.09
CA THR B 388 -28.58 27.01 -1.76
C THR B 388 -28.70 28.14 -0.76
N GLU B 389 -29.21 27.86 0.44
CA GLU B 389 -29.44 28.82 1.52
C GLU B 389 -29.91 28.03 2.72
N LEU B 390 -29.76 28.60 3.92
CA LEU B 390 -30.31 28.00 5.13
C LEU B 390 -30.93 29.09 5.98
N PRO B 391 -32.17 29.48 5.69
CA PRO B 391 -32.81 30.57 6.43
C PRO B 391 -33.17 30.15 7.84
N VAL B 392 -32.71 30.92 8.82
CA VAL B 392 -32.94 30.64 10.23
C VAL B 392 -33.40 31.92 10.91
N THR B 393 -34.07 31.76 12.04
CA THR B 393 -34.45 32.90 12.86
C THR B 393 -34.14 32.54 14.31
N TRP B 394 -34.35 33.50 15.22
CA TRP B 394 -33.98 33.28 16.61
C TRP B 394 -34.70 34.27 17.51
CHA HEM C . 12.19 -10.92 -2.41
CHB HEM C . 12.11 -15.56 -3.85
CHC HEM C . 16.47 -15.01 -5.92
CHD HEM C . 16.68 -10.47 -4.24
C1A HEM C . 11.78 -12.21 -2.63
C2A HEM C . 10.52 -12.80 -2.23
C3A HEM C . 10.50 -14.09 -2.62
C4A HEM C . 11.75 -14.36 -3.30
CMA HEM C . 9.35 -15.09 -2.40
CAA HEM C . 9.39 -12.10 -1.47
CBA HEM C . 9.74 -12.08 0.02
CGA HEM C . 8.74 -11.26 0.82
O1A HEM C . 9.04 -10.94 2.00
O2A HEM C . 7.66 -10.91 0.28
C1B HEM C . 13.28 -15.82 -4.54
C2B HEM C . 13.65 -17.09 -5.15
C3B HEM C . 14.87 -16.92 -5.69
C4B HEM C . 15.29 -15.56 -5.48
CMB HEM C . 12.80 -18.39 -5.09
CAB HEM C . 15.72 -17.94 -6.48
CBB HEM C . 15.17 -18.92 -7.19
C1C HEM C . 16.92 -13.73 -5.66
C2C HEM C . 18.16 -13.14 -6.11
C3C HEM C . 18.21 -11.87 -5.63
C4C HEM C . 17.00 -11.64 -4.87
CMC HEM C . 19.19 -13.87 -7.01
CAC HEM C . 19.29 -10.79 -5.80
CBC HEM C . 20.31 -10.89 -6.65
C1D HEM C . 15.49 -10.20 -3.59
C2D HEM C . 15.13 -8.97 -2.92
C3D HEM C . 13.90 -9.08 -2.41
C4D HEM C . 13.43 -10.41 -2.75
CMD HEM C . 16.07 -7.75 -2.82
CAD HEM C . 13.12 -8.02 -1.60
CBD HEM C . 11.95 -7.40 -2.39
CGD HEM C . 11.14 -6.46 -1.50
O1D HEM C . 10.26 -5.73 -1.99
O2D HEM C . 11.37 -6.45 -0.27
NA HEM C . 12.51 -13.19 -3.29
NB HEM C . 14.30 -14.92 -4.77
NC HEM C . 16.24 -12.80 -4.90
ND HEM C . 14.42 -11.05 -3.48
FE HEM C . 14.35 -12.99 -4.19
C19 A1AZ7 D . 13.94 -17.73 -0.65
C20 A1AZ7 D . 13.59 -19.28 1.20
C21 A1AZ7 D . 13.14 -20.27 0.13
C22 A1AZ7 D . 14.10 -20.26 -1.02
C23 A1AZ7 D . 14.11 -18.91 -1.65
C24 A1AZ7 D . 14.15 -16.31 -1.17
C25 A1AZ7 D . 12.63 -19.41 2.46
C26 A1AZ7 D . 14.61 -15.27 -0.16
C27 A1AZ7 D . 13.39 -19.06 3.80
C28 A1AZ7 D . 13.20 -21.68 0.80
C29 A1AZ7 D . 14.42 -13.91 -0.82
C30 A1AZ7 D . 13.43 -21.21 5.05
C31 A1AZ7 D . 13.38 -22.64 4.39
C32 A1AZ7 D . 14.91 -12.75 0.06
C33 A1AZ7 D . 12.62 -23.63 5.34
C34 A1AZ7 D . 13.36 -23.65 6.70
C35 A1AZ7 D . 13.39 -22.20 7.28
C36 A1AZ7 D . 14.36 -17.91 3.52
C37 A1AZ7 D . 13.83 -12.08 0.91
C38 A1AZ7 D . 14.42 -11.04 1.91
C39 A1AZ7 D . 14.06 -22.13 8.65
C40 A1AZ7 D . 14.58 -9.64 1.33
C41 A1AZ7 D . 14.48 -16.83 4.35
C42 A1AZ7 D . 15.85 -8.92 1.86
C43 A1AZ7 D . 16.26 -7.70 1.05
C44 A1AZ7 D . 17.22 -6.84 1.87
C45 A1AZ7 D . 15.41 -15.71 4.09
C46 A1AZ7 D . 16.50 -5.56 2.42
C47 A1AZ7 D . 17.01 -1.72 4.77
C48 A1AZ7 D . 17.95 -0.93 5.84
C49 A1AZ7 D . 17.71 -2.12 3.38
C50 A1AZ7 D . 19.25 -1.72 6.28
C51 A1AZ7 D . 15.57 -14.65 4.95
C52 A1AZ7 D . 17.39 -4.38 2.58
C53 A1AZ7 D . 15.69 -0.93 4.48
C54 A1AZ7 D . 17.79 -0.90 2.44
C55 A1AZ7 D . 19.93 -0.94 7.43
C56 A1AZ7 D . 18.86 -3.13 6.71
C57 A1AZ7 D . 16.48 -13.52 4.70
C58 A1AZ7 D . 19.07 -4.25 5.96
C59 A1AZ7 D . 16.62 -12.43 5.54
C60 A1AZ7 D . 18.66 -5.59 6.40
C61 A1AZ7 D . 17.53 -11.32 5.26
C62 A1AZ7 D . 19.22 -6.75 5.98
C63 A1AZ7 D . 18.78 -8.12 6.42
C64 A1AZ7 D . 18.26 -8.93 5.26
C65 A1AZ7 D . 17.31 -10.03 5.60
N18 A1AZ7 D . 12.53 -24.98 4.76
O01 A1AZ7 D . 13.58 -17.91 0.70
O02 A1AZ7 D . 15.35 -17.78 -0.31
O03 A1AZ7 D . 13.58 -21.16 -2.00
O04 A1AZ7 D . 14.15 -20.24 4.25
O05 A1AZ7 D . 14.05 -21.31 6.35
O06 A1AZ7 D . 16.00 -15.55 0.02
O07 A1AZ7 D . 14.31 -22.05 1.26
O08 A1AZ7 D . 15.15 -13.90 -2.06
O09 A1AZ7 D . 12.13 -22.39 0.82
O10 A1AZ7 D . 14.71 -23.08 4.20
O11 A1AZ7 D . 12.67 -24.47 7.64
O12 A1AZ7 D . 15.75 -11.46 2.16
O13 A1AZ7 D . 16.93 -9.83 1.71
O14 A1AZ7 D . 18.28 -6.49 0.97
O15 A1AZ7 D . 16.94 -3.14 2.81
O16 A1AZ7 D . 18.37 0.30 5.25
O17 A1AZ7 D . 18.64 -4.53 2.51
S SO4 E . 6.62 -13.84 -11.86
O1 SO4 E . 7.96 -13.30 -12.07
O2 SO4 E . 6.29 -13.55 -10.47
O3 SO4 E . 5.70 -13.23 -12.79
O4 SO4 E . 6.53 -15.28 -12.09
S SO4 F . -2.53 -10.22 -12.07
O1 SO4 F . -3.75 -10.84 -11.57
O2 SO4 F . -1.44 -11.19 -12.06
O3 SO4 F . -2.75 -9.78 -13.44
O4 SO4 F . -2.18 -9.07 -11.23
S SO4 G . 30.05 6.22 7.47
O1 SO4 G . 30.18 5.12 6.54
O2 SO4 G . 29.66 5.73 8.79
O3 SO4 G . 31.33 6.91 7.56
O4 SO4 G . 29.02 7.15 7.00
S SO4 H . 12.90 -3.16 -17.59
O1 SO4 H . 12.31 -3.75 -18.78
O2 SO4 H . 11.84 -2.61 -16.75
O3 SO4 H . 13.60 -4.18 -16.84
O4 SO4 H . 13.82 -2.09 -17.98
S SO4 I . 28.53 -25.99 -26.24
O1 SO4 I . 27.28 -26.16 -26.96
O2 SO4 I . 28.58 -24.66 -25.61
O3 SO4 I . 28.61 -27.03 -25.20
O4 SO4 I . 29.66 -26.11 -27.15
CHA HEM J . -8.91 13.60 1.99
CHB HEM J . -13.28 14.24 4.01
CHC HEM J . -12.02 18.72 5.42
CHD HEM J . -7.78 18.17 3.15
C1A HEM J . -10.19 13.40 2.43
C2A HEM J . -10.94 12.19 2.21
C3A HEM J . -12.16 12.35 2.77
C4A HEM J . -12.20 13.68 3.36
CMA HEM J . -13.31 11.32 2.78
CAA HEM J . -10.38 10.95 1.47
CBA HEM J . -10.73 11.06 0.01
CGA HEM J . -10.15 9.89 -0.76
O1A HEM J . -10.12 10.01 -2.00
O2A HEM J . -9.72 8.88 -0.16
C1B HEM J . -13.32 15.50 4.57
C2B HEM J . -14.44 16.07 5.32
C3B HEM J . -14.07 17.31 5.71
C4B HEM J . -12.73 17.56 5.21
CMB HEM J . -15.76 15.32 5.59
CAB HEM J . -14.82 18.37 6.52
CBB HEM J . -15.93 18.11 7.23
C1C HEM J . -10.76 18.93 4.94
C2C HEM J . -9.96 20.12 5.20
C3C HEM J . -8.80 19.94 4.57
C4C HEM J . -8.83 18.67 3.89
CMC HEM J . -10.44 21.32 6.08
CAC HEM J . -7.58 20.88 4.48
CBC HEM J . -7.66 22.17 4.74
C1D HEM J . -7.70 16.89 2.63
C2D HEM J . -6.60 16.33 1.87
C3D HEM J . -6.91 15.06 1.56
C4D HEM J . -8.23 14.79 2.11
CMD HEM J . -5.29 17.07 1.50
CAD HEM J . -6.06 14.06 0.74
CBD HEM J . -5.46 12.92 1.57
CGD HEM J . -4.78 11.94 0.62
O1D HEM J . -4.03 11.05 1.10
O2D HEM J . -4.97 12.05 -0.63
NA HEM J . -10.99 14.31 3.12
NB HEM J . -12.31 16.44 4.52
NC HEM J . -10.04 18.07 4.14
ND HEM J . -8.68 15.92 2.76
FE HEM J . -10.46 16.15 3.71
C19 A1AZ7 K . -15.66 15.82 0.93
C20 A1AZ7 K . -17.52 15.52 -0.64
C21 A1AZ7 K . -18.39 15.28 0.62
C22 A1AZ7 K . -18.03 16.32 1.66
C23 A1AZ7 K . -16.62 16.10 2.10
C24 A1AZ7 K . -14.16 15.86 1.20
C25 A1AZ7 K . -17.84 14.47 -1.78
C26 A1AZ7 K . -13.25 16.16 0.02
C27 A1AZ7 K . -17.59 15.14 -3.19
C28 A1AZ7 K . -19.86 15.50 0.25
C29 A1AZ7 K . -11.82 15.98 0.56
C30 A1AZ7 K . -19.90 15.38 -4.03
C31 A1AZ7 K . -21.20 15.58 -3.17
C32 A1AZ7 K . -10.81 16.26 -0.52
C33 A1AZ7 K . -22.38 14.83 -3.84
C34 A1AZ7 K . -22.54 15.41 -5.23
C35 A1AZ7 K . -21.18 15.22 -6.01
C36 A1AZ7 K . -16.32 15.97 -3.13
C37 A1AZ7 K . -10.87 15.22 -1.60
C38 A1AZ7 K . -9.76 15.41 -2.64
C39 A1AZ7 K . -21.26 15.66 -7.47
C40 A1AZ7 K . -8.39 15.33 -2.06
C41 A1AZ7 K . -15.43 15.95 -4.14
C42 A1AZ7 K . -7.41 16.11 -2.97
C43 A1AZ7 K . -5.95 15.89 -2.69
C44 A1AZ7 K . -5.12 17.10 -3.21
C45 A1AZ7 K . -14.18 16.70 -4.14
C46 A1AZ7 K . -3.62 16.86 -3.14
C47 A1AZ7 K . -0.48 16.41 -6.84
C48 A1AZ7 K . 0.30 17.20 -7.97
C49 A1AZ7 K . -0.88 17.32 -5.63
C50 A1AZ7 K . -0.46 18.51 -8.47
C51 A1AZ7 K . -13.25 16.58 -5.12
C52 A1AZ7 K . -2.81 17.48 -4.28
C53 A1AZ7 K . 0.32 15.17 -6.29
C54 A1AZ7 K . 0.29 17.37 -4.56
C55 A1AZ7 K . 0.18 19.05 -9.77
C56 A1AZ7 K . -1.91 18.22 -8.68
C57 A1AZ7 K . -11.98 17.31 -5.14
C58 A1AZ7 K . -2.93 18.92 -8.10
C59 A1AZ7 K . -11.06 17.27 -6.13
C60 A1AZ7 K . -4.34 18.57 -8.32
C61 A1AZ7 K . -9.80 18.02 -6.08
C62 A1AZ7 K . -5.37 19.24 -7.77
C63 A1AZ7 K . -6.79 18.86 -8.00
C64 A1AZ7 K . -7.43 18.50 -6.69
C65 A1AZ7 K . -8.70 17.73 -6.80
N18 A1AZ7 K . -23.63 14.98 -3.08
O01 A1AZ7 K . -16.10 15.42 -0.35
O02 A1AZ7 K . -15.67 17.25 0.50
O03 A1AZ7 K . -18.86 16.14 2.80
O04 A1AZ7 K . -18.72 16.02 -3.50
O05 A1AZ7 K . -20.17 15.91 -5.33
O06 A1AZ7 K . -13.46 17.55 -0.35
O07 A1AZ7 K . -20.70 14.57 0.41
O08 A1AZ7 K . -11.62 16.91 1.61
O09 A1AZ7 K . -20.16 16.68 -0.18
O10 A1AZ7 K . -21.51 16.95 -3.21
O11 A1AZ7 K . -23.55 14.74 -5.93
O12 A1AZ7 K . -9.83 16.79 -3.04
O13 A1AZ7 K . -7.65 17.49 -2.67
O14 A1AZ7 K . -5.45 18.17 -2.33
O15 A1AZ7 K . -2.10 16.81 -5.14
O16 A1AZ7 K . 1.51 17.63 -7.38
O17 A1AZ7 K . -2.77 18.73 -4.45
S SO4 L . -10.86 9.40 12.33
O1 SO4 L . -10.33 10.71 11.98
O2 SO4 L . -10.86 8.54 11.16
O3 SO4 L . -10.02 8.86 13.39
O4 SO4 L . -12.22 9.51 12.81
S SO4 M . 1.25 39.72 -9.46
O1 SO4 M . 0.84 39.61 -10.85
O2 SO4 M . 0.20 40.32 -8.63
O3 SO4 M . 1.53 38.38 -8.94
O4 SO4 M . 2.43 40.59 -9.41
S SO4 N . 1.87 15.42 15.79
O1 SO4 N . 2.78 16.32 16.48
O2 SO4 N . 0.53 16.01 15.72
O3 SO4 N . 2.37 15.18 14.43
O4 SO4 N . 1.76 14.15 16.51
S SO4 O . -16.19 -10.19 -15.90
O1 SO4 O . -15.35 -9.09 -16.41
O2 SO4 O . -17.56 -9.71 -15.71
O3 SO4 O . -16.20 -11.27 -16.90
O4 SO4 O . -15.69 -10.69 -14.62
#